data_6SKW
#
_entry.id   6SKW
#
_cell.length_a   120.870
_cell.length_b   120.870
_cell.length_c   104.390
_cell.angle_alpha   90.000
_cell.angle_beta   90.000
_cell.angle_gamma   120.000
#
_symmetry.space_group_name_H-M   'P 32 2 1'
#
loop_
_entity.id
_entity.type
_entity.pdbx_description
1 polymer NttE
2 non-polymer 1,2-ETHANEDIOL
3 water water
#
_entity_poly.entity_id   1
_entity_poly.type   'polypeptide(L)'
_entity_poly.pdbx_seq_one_letter_code
;(MSE)AHHHHHHVDDDDK(MSE)NSDDNADGLIFSPLPQNKNTVVRHYSNEQE(MSE)PNLSQ(MSE)AQRTIDFPTQIV
RVSGNLTGLELSCDDVENEIDQVFSKKISPNLFTYNTYVSCGYDVNDPEQHATNFSIQSYFDPLTDNAVDYLKSYLKEYN
GYNLFNTTTLQIENAKGIIVS(MSE)NLNAGLKSNPDKTPFTLYRQDRNNFYFKSNFDVRKELISDIYQRFYSNDPD
(MSE)ILPFFDKWIFSYAGSVYYSIL(MSE)ASNYLELQPERIFV(MSE)ENEGDIFVSDLRYYFANLC(MSE)KRNPNK
HCL
;
_entity_poly.pdbx_strand_id   AAA,BBB
#
loop_
_chem_comp.id
_chem_comp.type
_chem_comp.name
_chem_comp.formula
EDO non-polymer 1,2-ETHANEDIOL 'C2 H6 O2'
#
# COMPACT_ATOMS: atom_id res chain seq x y z
N ASP A 22 -4.64 11.15 19.94
CA ASP A 22 -4.96 11.45 18.53
C ASP A 22 -3.86 12.34 17.93
N GLY A 23 -3.86 12.52 16.62
CA GLY A 23 -2.79 13.15 15.82
C GLY A 23 -1.84 12.10 15.26
N LEU A 24 -0.57 12.45 15.02
CA LEU A 24 0.43 11.48 14.49
C LEU A 24 0.83 10.51 15.60
N ILE A 25 0.54 9.23 15.44
CA ILE A 25 0.90 8.12 16.38
C ILE A 25 1.97 7.24 15.71
N PHE A 26 3.10 7.02 16.37
CA PHE A 26 4.13 6.04 15.95
C PHE A 26 3.66 4.63 16.34
N SER A 27 3.85 3.67 15.44
CA SER A 27 3.52 2.24 15.67
C SER A 27 4.57 1.63 16.61
N PRO A 28 4.21 0.66 17.49
CA PRO A 28 5.19 0.02 18.37
C PRO A 28 6.45 -0.49 17.65
N LEU A 29 7.60 -0.28 18.29
CA LEU A 29 8.93 -0.86 17.94
C LEU A 29 8.85 -2.38 18.08
N PRO A 30 9.44 -3.18 17.15
CA PRO A 30 9.62 -4.61 17.39
C PRO A 30 10.75 -4.73 18.43
N GLN A 31 10.46 -5.28 19.62
CA GLN A 31 11.35 -5.23 20.82
C GLN A 31 11.90 -6.63 21.13
N ASN A 32 12.97 -7.04 20.43
CA ASN A 32 13.63 -8.38 20.53
C ASN A 32 14.19 -8.62 21.94
N LYS A 33 14.61 -9.86 22.21
CA LYS A 33 14.81 -10.47 23.57
C LYS A 33 15.90 -9.75 24.39
N ASN A 34 17.12 -9.65 23.85
CA ASN A 34 18.32 -9.18 24.61
C ASN A 34 19.05 -8.19 23.69
N THR A 35 18.37 -7.07 23.41
CA THR A 35 18.71 -6.13 22.33
C THR A 35 18.40 -4.72 22.85
N VAL A 36 19.40 -3.84 22.91
CA VAL A 36 19.20 -2.37 23.08
C VAL A 36 18.65 -1.83 21.76
N VAL A 37 17.59 -1.04 21.83
CA VAL A 37 16.89 -0.42 20.66
C VAL A 37 16.78 1.08 20.93
N ARG A 38 17.16 1.91 19.97
CA ARG A 38 17.12 3.40 20.03
C ARG A 38 16.33 3.88 18.82
N HIS A 39 15.35 4.74 19.04
CA HIS A 39 14.49 5.38 18.01
C HIS A 39 14.72 6.90 18.08
N TYR A 40 15.12 7.50 16.96
CA TYR A 40 15.35 8.95 16.82
C TYR A 40 14.50 9.37 15.62
N SER A 41 13.59 10.32 15.83
CA SER A 41 12.76 10.85 14.73
C SER A 41 12.36 12.27 15.04
N ASN A 42 12.19 13.05 13.96
CA ASN A 42 11.47 14.34 14.01
C ASN A 42 10.37 14.31 12.93
N GLU A 43 9.96 13.10 12.50
CA GLU A 43 8.88 12.96 11.49
C GLU A 43 7.53 13.39 12.09
N GLN A 44 7.43 13.36 13.42
CA GLN A 44 6.21 13.79 14.16
C GLN A 44 5.97 15.29 14.06
N GLU A 45 7.02 16.06 13.74
CA GLU A 45 6.93 17.53 13.64
C GLU A 45 6.20 17.84 12.35
N MSE A 46 5.27 18.79 12.39
CA MSE A 46 4.59 19.25 11.19
C MSE A 46 5.61 19.76 10.16
O MSE A 46 6.54 20.49 10.49
CB MSE A 46 3.65 20.40 11.54
CG MSE A 46 2.49 20.00 12.42
SE MSE A 46 1.21 21.55 12.53
CE MSE A 46 0.98 22.01 10.66
H MSE A 46 5.03 19.20 13.29
HA MSE A 46 4.11 18.49 10.79
HB2 MSE A 46 3.29 20.75 10.72
HB3 MSE A 46 4.14 21.07 11.99
HG2 MSE A 46 2.83 19.77 13.30
HG3 MSE A 46 2.05 19.22 12.04
HE1 MSE A 46 0.37 22.75 10.59
HE2 MSE A 46 0.63 21.24 10.19
HE3 MSE A 46 1.84 22.26 10.29
N PRO A 47 5.41 19.43 8.87
CA PRO A 47 6.21 20.04 7.79
C PRO A 47 6.17 21.55 7.86
N ASN A 48 7.35 22.17 7.78
CA ASN A 48 7.49 23.65 7.79
C ASN A 48 7.61 24.08 6.31
N LEU A 49 6.52 24.54 5.70
CA LEU A 49 6.48 24.91 4.26
C LEU A 49 7.44 26.08 3.98
N SER A 50 7.65 27.00 4.92
CA SER A 50 8.63 28.09 4.71
C SER A 50 10.05 27.53 4.53
N GLN A 51 10.44 26.63 5.43
CA GLN A 51 11.78 26.02 5.37
C GLN A 51 11.88 25.23 4.05
N MSE A 52 10.87 24.45 3.73
CA MSE A 52 10.98 23.49 2.64
C MSE A 52 11.01 24.19 1.28
O MSE A 52 11.56 23.65 0.31
CB MSE A 52 9.86 22.45 2.72
CG MSE A 52 9.92 21.60 4.00
SE MSE A 52 8.43 20.34 3.98
CE MSE A 52 9.21 18.76 3.04
H MSE A 52 10.00 24.51 4.24
HA MSE A 52 11.84 23.01 2.74
HB2 MSE A 52 9.93 21.87 1.97
HB3 MSE A 52 9.02 22.90 2.71
HG2 MSE A 52 9.87 22.18 4.78
HG3 MSE A 52 10.78 21.12 4.03
HE1 MSE A 52 8.55 18.07 2.98
HE2 MSE A 52 9.98 18.44 3.54
HE3 MSE A 52 9.50 19.05 2.15
N ALA A 53 10.45 25.43 1.22
CA ALA A 53 10.52 26.27 0.03
C ALA A 53 11.97 26.68 -0.19
N GLN A 54 12.87 26.54 0.80
CA GLN A 54 14.29 26.92 0.58
C GLN A 54 15.08 25.78 -0.08
N ARG A 55 14.43 24.66 -0.38
CA ARG A 55 14.99 23.60 -1.26
C ARG A 55 14.43 23.81 -2.69
N THR A 56 15.30 24.14 -3.65
CA THR A 56 14.90 24.55 -5.02
C THR A 56 15.24 23.45 -6.04
N ILE A 57 15.73 22.29 -5.57
CA ILE A 57 16.05 21.12 -6.44
C ILE A 57 15.49 19.83 -5.82
N ASP A 58 15.32 18.82 -6.67
CA ASP A 58 14.98 17.44 -6.24
C ASP A 58 16.27 16.83 -5.68
N PHE A 59 16.13 16.09 -4.59
CA PHE A 59 17.21 15.27 -3.99
C PHE A 59 16.54 14.00 -3.47
N PRO A 60 17.11 12.82 -3.75
CA PRO A 60 16.51 11.56 -3.32
C PRO A 60 16.56 11.42 -1.79
N THR A 61 15.56 10.73 -1.25
CA THR A 61 15.56 10.27 0.15
C THR A 61 16.77 9.34 0.34
N GLN A 62 17.48 9.54 1.43
CA GLN A 62 18.64 8.71 1.82
C GLN A 62 18.14 7.56 2.69
N ILE A 63 18.63 6.36 2.38
CA ILE A 63 18.23 5.09 3.03
C ILE A 63 19.47 4.42 3.62
N VAL A 64 19.36 3.96 4.86
CA VAL A 64 20.37 3.11 5.50
C VAL A 64 19.69 1.84 5.96
N ARG A 65 20.15 0.69 5.48
CA ARG A 65 19.66 -0.63 5.92
C ARG A 65 20.89 -1.53 6.11
N VAL A 66 21.57 -1.33 7.23
CA VAL A 66 22.92 -1.89 7.52
C VAL A 66 22.80 -2.83 8.71
N SER A 67 23.52 -3.94 8.69
CA SER A 67 23.61 -4.86 9.84
C SER A 67 24.89 -5.67 9.79
N GLY A 68 25.28 -6.19 10.93
CA GLY A 68 26.56 -6.89 11.10
C GLY A 68 26.59 -7.75 12.32
N ASN A 69 27.31 -8.88 12.22
CA ASN A 69 27.64 -9.78 13.35
C ASN A 69 28.83 -9.12 14.06
N LEU A 70 28.78 -8.91 15.37
CA LEU A 70 29.91 -8.33 16.14
C LEU A 70 30.53 -9.36 17.08
N THR A 71 30.03 -10.60 17.07
CA THR A 71 30.57 -11.67 17.96
C THR A 71 32.10 -11.73 17.76
N GLY A 72 32.84 -11.60 18.89
CA GLY A 72 34.31 -11.83 18.99
C GLY A 72 35.09 -10.52 18.99
N LEU A 73 34.46 -9.40 18.67
CA LEU A 73 35.15 -8.08 18.65
C LEU A 73 35.21 -7.47 20.05
N GLU A 74 34.54 -8.08 21.04
CA GLU A 74 34.61 -7.59 22.45
C GLU A 74 34.19 -6.12 22.53
N LEU A 75 33.12 -5.73 21.83
CA LEU A 75 32.51 -4.39 21.95
C LEU A 75 31.33 -4.49 22.91
N SER A 76 31.15 -3.51 23.77
CA SER A 76 29.90 -3.35 24.55
C SER A 76 28.85 -2.70 23.65
N CYS A 77 27.59 -2.71 24.04
CA CYS A 77 26.52 -1.96 23.33
C CYS A 77 26.77 -0.44 23.36
N ASP A 78 27.33 0.10 24.45
CA ASP A 78 27.68 1.54 24.55
C ASP A 78 28.75 1.87 23.51
N ASP A 79 29.79 1.03 23.31
CA ASP A 79 30.80 1.25 22.23
C ASP A 79 30.10 1.32 20.84
N VAL A 80 29.19 0.40 20.58
CA VAL A 80 28.50 0.30 19.27
C VAL A 80 27.66 1.59 19.10
N GLU A 81 26.89 1.95 20.11
CA GLU A 81 26.04 3.16 20.08
C GLU A 81 26.95 4.39 19.88
N ASN A 82 28.11 4.47 20.53
CA ASN A 82 29.03 5.63 20.40
C ASN A 82 29.56 5.79 18.98
N GLU A 83 30.05 4.70 18.39
CA GLU A 83 30.57 4.71 17.01
C GLU A 83 29.44 5.16 16.05
N ILE A 84 28.22 4.64 16.19
CA ILE A 84 27.13 4.98 15.24
C ILE A 84 26.77 6.46 15.43
N ASP A 85 26.86 6.96 16.66
CA ASP A 85 26.57 8.38 16.96
C ASP A 85 27.65 9.27 16.32
N GLN A 86 28.92 8.97 16.48
CA GLN A 86 30.07 9.72 15.91
C GLN A 86 29.94 9.80 14.37
N VAL A 87 29.58 8.72 13.68
CA VAL A 87 29.70 8.71 12.19
C VAL A 87 28.36 8.97 11.49
N PHE A 88 27.23 8.87 12.19
CA PHE A 88 25.88 8.97 11.56
C PHE A 88 24.99 9.94 12.36
N SER A 89 24.49 9.53 13.52
CA SER A 89 23.35 10.18 14.24
C SER A 89 23.60 11.68 14.44
N LYS A 90 24.77 12.04 14.96
CA LYS A 90 25.16 13.43 15.33
C LYS A 90 25.48 14.28 14.10
N LYS A 91 25.69 13.68 12.94
CA LYS A 91 25.95 14.40 11.66
C LYS A 91 24.64 14.81 10.98
N ILE A 92 23.52 14.21 11.37
CA ILE A 92 22.16 14.44 10.77
C ILE A 92 21.31 15.23 11.77
N SER A 93 21.36 16.56 11.68
CA SER A 93 20.69 17.45 12.65
C SER A 93 19.20 17.60 12.31
N PRO A 94 18.31 17.62 13.32
CA PRO A 94 16.89 17.89 13.11
C PRO A 94 16.60 19.29 12.56
N ASN A 95 17.58 20.21 12.61
CA ASN A 95 17.43 21.54 12.01
C ASN A 95 17.57 21.49 10.48
N LEU A 96 18.28 20.51 9.91
CA LEU A 96 18.62 20.43 8.46
C LEU A 96 17.88 19.27 7.77
N PHE A 97 17.42 18.29 8.54
CA PHE A 97 16.90 17.03 7.98
C PHE A 97 15.60 16.66 8.68
N THR A 98 14.71 16.00 7.96
CA THR A 98 13.71 15.09 8.53
C THR A 98 14.28 13.68 8.43
N TYR A 99 14.27 12.98 9.55
CA TYR A 99 14.84 11.63 9.65
C TYR A 99 13.94 10.78 10.54
N ASN A 100 14.09 9.49 10.33
CA ASN A 100 13.48 8.46 11.17
C ASN A 100 14.48 7.31 11.23
N THR A 101 14.99 7.03 12.41
CA THR A 101 16.17 6.13 12.57
C THR A 101 15.90 5.13 13.70
N TYR A 102 16.19 3.85 13.45
CA TYR A 102 16.17 2.75 14.46
C TYR A 102 17.59 2.19 14.51
N VAL A 103 18.19 2.16 15.70
CA VAL A 103 19.53 1.55 15.94
C VAL A 103 19.34 0.43 16.95
N SER A 104 19.79 -0.79 16.63
CA SER A 104 19.68 -1.94 17.56
C SER A 104 21.05 -2.59 17.72
N CYS A 105 21.26 -3.10 18.93
CA CYS A 105 22.46 -3.81 19.35
C CYS A 105 22.02 -4.97 20.24
N GLY A 106 22.25 -6.19 19.72
CA GLY A 106 22.03 -7.48 20.40
C GLY A 106 23.24 -7.72 21.27
N TYR A 107 23.03 -8.30 22.44
CA TYR A 107 24.14 -8.70 23.32
C TYR A 107 23.89 -10.12 23.82
N ASP A 108 24.99 -10.70 24.26
CA ASP A 108 25.05 -12.09 24.76
C ASP A 108 24.75 -11.93 26.28
N VAL A 109 23.52 -12.22 26.70
CA VAL A 109 23.10 -12.26 28.14
C VAL A 109 24.03 -13.17 28.98
N ASN A 110 24.57 -14.28 28.43
CA ASN A 110 25.33 -15.35 29.17
C ASN A 110 26.83 -15.04 29.21
N ASP A 111 27.34 -14.11 28.40
CA ASP A 111 28.78 -13.72 28.41
C ASP A 111 29.05 -12.93 29.70
N PRO A 112 30.11 -13.25 30.46
CA PRO A 112 30.46 -12.51 31.68
C PRO A 112 30.60 -11.00 31.48
N GLU A 113 30.86 -10.57 30.23
CA GLU A 113 31.02 -9.15 29.89
C GLU A 113 29.78 -8.63 29.13
N GLN A 114 28.85 -9.51 28.74
CA GLN A 114 27.65 -9.17 27.94
C GLN A 114 28.07 -8.31 26.72
N HIS A 115 29.11 -8.73 26.00
CA HIS A 115 29.59 -8.06 24.75
C HIS A 115 28.48 -8.07 23.69
N ALA A 116 28.41 -7.03 22.87
CA ALA A 116 27.57 -6.93 21.67
C ALA A 116 27.82 -8.12 20.76
N THR A 117 26.77 -8.71 20.18
CA THR A 117 26.85 -9.85 19.21
C THR A 117 26.41 -9.39 17.80
N ASN A 118 25.64 -8.32 17.68
CA ASN A 118 25.13 -7.88 16.35
C ASN A 118 24.57 -6.47 16.48
N PHE A 119 24.39 -5.80 15.35
CA PHE A 119 23.80 -4.45 15.33
C PHE A 119 23.06 -4.23 14.01
N SER A 120 22.17 -3.25 14.01
CA SER A 120 21.53 -2.78 12.77
C SER A 120 21.23 -1.29 12.88
N ILE A 121 21.23 -0.66 11.72
CA ILE A 121 20.82 0.74 11.49
C ILE A 121 19.76 0.66 10.41
N GLN A 122 18.56 1.14 10.70
CA GLN A 122 17.51 1.36 9.68
C GLN A 122 17.15 2.85 9.74
N SER A 123 17.33 3.57 8.64
CA SER A 123 17.08 5.03 8.59
C SER A 123 16.55 5.43 7.22
N TYR A 124 15.66 6.39 7.20
CA TYR A 124 15.46 7.24 6.00
C TYR A 124 15.55 8.71 6.46
N PHE A 125 16.08 9.58 5.60
CA PHE A 125 16.25 11.01 5.95
C PHE A 125 16.33 11.83 4.66
N ASP A 126 15.91 13.10 4.77
CA ASP A 126 15.76 14.03 3.61
C ASP A 126 16.34 15.38 4.01
N PRO A 127 17.20 16.01 3.17
CA PRO A 127 17.65 17.37 3.41
C PRO A 127 16.49 18.34 3.17
N LEU A 128 16.28 19.33 4.03
CA LEU A 128 15.05 20.18 4.01
C LEU A 128 15.26 21.48 3.21
N THR A 129 16.50 21.87 2.94
CA THR A 129 16.86 23.14 2.27
C THR A 129 18.06 22.93 1.34
N ASP A 130 18.34 23.93 0.49
CA ASP A 130 19.53 23.96 -0.38
C ASP A 130 20.78 23.86 0.50
N ASN A 131 20.87 24.59 1.63
CA ASN A 131 22.06 24.52 2.52
C ASN A 131 22.20 23.11 3.10
N ALA A 132 21.10 22.41 3.41
CA ALA A 132 21.14 21.03 3.94
C ALA A 132 21.64 20.10 2.83
N VAL A 133 21.29 20.38 1.59
CA VAL A 133 21.72 19.53 0.44
C VAL A 133 23.25 19.69 0.30
N ASP A 134 23.76 20.93 0.40
CA ASP A 134 25.23 21.16 0.29
C ASP A 134 25.93 20.38 1.41
N TYR A 135 25.48 20.56 2.67
CA TYR A 135 26.03 19.83 3.83
C TYR A 135 25.93 18.33 3.58
N LEU A 136 24.83 17.82 3.05
CA LEU A 136 24.68 16.36 2.82
C LEU A 136 25.74 15.84 1.83
N LYS A 137 25.94 16.54 0.72
CA LYS A 137 26.85 16.08 -0.38
C LYS A 137 28.27 15.90 0.16
N SER A 138 28.62 16.76 1.11
CA SER A 138 29.91 16.79 1.84
C SER A 138 29.95 15.69 2.90
N TYR A 139 28.86 15.44 3.62
CA TYR A 139 28.77 14.30 4.58
C TYR A 139 28.94 12.98 3.79
N LEU A 140 28.28 12.83 2.66
CA LEU A 140 28.34 11.59 1.83
C LEU A 140 29.77 11.34 1.31
N LYS A 141 30.44 12.35 0.77
CA LYS A 141 31.83 12.25 0.24
C LYS A 141 32.81 11.67 1.31
N GLU A 142 32.66 12.06 2.57
CA GLU A 142 33.54 11.71 3.71
C GLU A 142 33.11 10.34 4.32
N TYR A 143 31.80 10.07 4.43
CA TYR A 143 31.27 9.02 5.36
C TYR A 143 30.58 7.90 4.58
N ASN A 144 30.17 8.12 3.35
CA ASN A 144 29.55 7.02 2.57
C ASN A 144 30.58 5.92 2.39
N GLY A 145 30.29 4.72 2.86
CA GLY A 145 31.19 3.55 2.77
C GLY A 145 32.05 3.39 4.02
N TYR A 146 31.86 4.17 5.07
CA TYR A 146 32.67 4.12 6.32
C TYR A 146 32.65 2.68 6.84
N ASN A 147 33.84 2.18 7.20
CA ASN A 147 34.04 0.83 7.79
C ASN A 147 33.50 0.80 9.22
N LEU A 148 32.39 0.11 9.46
CA LEU A 148 31.81 -0.02 10.82
C LEU A 148 32.38 -1.28 11.46
N PHE A 149 33.21 -1.13 12.49
CA PHE A 149 33.75 -2.24 13.33
C PHE A 149 34.47 -3.30 12.48
N ASN A 150 35.02 -2.92 11.32
CA ASN A 150 35.73 -3.82 10.37
C ASN A 150 34.84 -4.99 10.00
N THR A 151 33.53 -4.79 9.98
CA THR A 151 32.55 -5.89 9.79
C THR A 151 31.59 -5.56 8.66
N THR A 152 31.19 -4.30 8.51
CA THR A 152 30.31 -3.91 7.41
C THR A 152 30.54 -2.44 7.13
N THR A 153 29.89 -1.90 6.12
CA THR A 153 30.15 -0.51 5.74
C THR A 153 28.82 0.23 5.92
N LEU A 154 28.94 1.49 6.28
CA LEU A 154 27.79 2.41 6.33
C LEU A 154 27.41 2.77 4.90
N GLN A 155 26.48 2.05 4.29
CA GLN A 155 26.05 2.33 2.90
C GLN A 155 24.79 3.20 2.99
N ILE A 156 24.90 4.42 2.50
CA ILE A 156 23.76 5.37 2.40
C ILE A 156 23.30 5.33 0.94
N GLU A 157 22.06 4.87 0.72
CA GLU A 157 21.55 4.64 -0.64
C GLU A 157 20.52 5.74 -0.98
N ASN A 158 20.39 6.03 -2.27
CA ASN A 158 19.37 6.94 -2.85
C ASN A 158 18.13 6.10 -3.15
N ALA A 159 17.01 6.36 -2.50
CA ALA A 159 15.74 5.80 -2.99
C ALA A 159 15.48 6.43 -4.38
N LYS A 160 15.04 5.64 -5.33
CA LYS A 160 14.61 6.11 -6.66
C LYS A 160 13.32 6.92 -6.51
N GLY A 161 12.41 6.48 -5.65
CA GLY A 161 11.14 7.19 -5.31
C GLY A 161 10.44 6.50 -4.18
N ILE A 162 9.19 6.85 -3.94
CA ILE A 162 8.34 6.27 -2.87
C ILE A 162 6.95 6.08 -3.43
N ILE A 163 6.33 4.97 -3.15
CA ILE A 163 4.89 4.77 -3.40
C ILE A 163 4.25 4.83 -2.03
N VAL A 164 3.31 5.75 -1.87
CA VAL A 164 2.43 5.82 -0.67
C VAL A 164 1.15 5.06 -1.01
N SER A 165 0.91 3.99 -0.26
CA SER A 165 -0.34 3.21 -0.28
C SER A 165 -1.12 3.53 0.99
N MSE A 166 -2.03 4.50 0.83
CA MSE A 166 -2.63 5.11 1.99
C MSE A 166 -4.00 4.50 2.22
O MSE A 166 -4.82 4.46 1.30
CB MSE A 166 -2.72 6.63 1.85
CG MSE A 166 -3.32 7.28 3.08
SE MSE A 166 -3.07 9.21 3.04
CE MSE A 166 -4.28 9.71 1.57
H MSE A 166 -2.30 4.81 -0.09
HA MSE A 166 -2.07 4.91 2.78
HB2 MSE A 166 -3.27 6.83 1.10
HB3 MSE A 166 -1.83 6.97 1.72
HG2 MSE A 166 -2.89 6.91 3.89
HG3 MSE A 166 -4.27 7.07 3.13
HE1 MSE A 166 -4.24 10.68 1.45
HE2 MSE A 166 -5.18 9.44 1.80
HE3 MSE A 166 -3.99 9.27 0.76
N ASN A 167 -4.23 4.06 3.46
CA ASN A 167 -5.51 3.56 3.91
C ASN A 167 -6.27 4.65 4.68
N LEU A 168 -7.58 4.76 4.46
CA LEU A 168 -8.50 5.61 5.28
C LEU A 168 -9.47 4.71 6.02
N ASN A 169 -9.61 4.89 7.33
CA ASN A 169 -10.65 4.19 8.11
C ASN A 169 -11.64 5.24 8.65
N ALA A 170 -12.94 4.98 8.57
CA ALA A 170 -13.98 5.88 9.14
C ALA A 170 -14.92 5.03 9.98
N GLY A 171 -15.22 5.46 11.20
CA GLY A 171 -16.13 4.69 12.05
C GLY A 171 -16.51 5.40 13.33
N LEU A 172 -17.09 4.62 14.25
CA LEU A 172 -17.66 5.12 15.53
C LEU A 172 -16.96 4.37 16.66
N LYS A 173 -16.17 5.08 17.47
CA LYS A 173 -15.49 4.55 18.67
C LYS A 173 -16.26 5.01 19.91
N SER A 174 -16.68 4.10 20.80
CA SER A 174 -17.45 4.47 22.01
C SER A 174 -16.52 4.82 23.19
N ASN A 175 -15.28 4.36 23.23
CA ASN A 175 -14.33 4.73 24.32
C ASN A 175 -13.01 5.22 23.71
N PRO A 176 -12.73 6.54 23.82
CA PRO A 176 -11.60 7.13 23.11
C PRO A 176 -10.23 6.67 23.61
N ASP A 177 -10.17 6.09 24.81
CA ASP A 177 -8.90 5.62 25.43
C ASP A 177 -8.53 4.22 24.91
N LYS A 178 -9.46 3.51 24.24
CA LYS A 178 -9.26 2.11 23.77
C LYS A 178 -9.15 2.07 22.23
N THR A 179 -8.61 0.95 21.73
CA THR A 179 -8.35 0.63 20.31
C THR A 179 -9.61 0.25 19.54
N PRO A 180 -10.48 -0.67 20.00
CA PRO A 180 -11.62 -1.10 19.21
C PRO A 180 -12.52 0.05 18.71
N PHE A 181 -13.03 -0.05 17.49
CA PHE A 181 -14.13 0.83 17.02
C PHE A 181 -14.99 0.07 16.00
N THR A 182 -16.18 0.60 15.74
CA THR A 182 -17.07 0.13 14.65
C THR A 182 -16.56 0.74 13.33
N LEU A 183 -15.99 -0.09 12.46
CA LEU A 183 -15.53 0.33 11.10
C LEU A 183 -16.74 0.46 10.17
N TYR A 184 -16.95 1.65 9.62
CA TYR A 184 -18.06 1.92 8.67
C TYR A 184 -17.57 1.80 7.21
N ARG A 185 -16.38 2.29 6.91
CA ARG A 185 -15.85 2.28 5.54
C ARG A 185 -14.33 2.36 5.59
N GLN A 186 -13.71 1.64 4.68
CA GLN A 186 -12.26 1.60 4.44
C GLN A 186 -12.04 1.93 2.95
N ASP A 187 -11.05 2.75 2.61
CA ASP A 187 -10.58 2.99 1.21
C ASP A 187 -9.05 3.01 1.15
N ARG A 188 -8.50 2.63 0.01
CA ARG A 188 -7.04 2.70 -0.28
C ARG A 188 -6.88 3.59 -1.50
N ASN A 189 -5.84 4.40 -1.54
CA ASN A 189 -5.35 5.03 -2.78
C ASN A 189 -3.82 5.05 -2.76
N ASN A 190 -3.18 5.16 -3.93
CA ASN A 190 -1.75 4.92 -4.20
C ASN A 190 -1.17 6.09 -5.00
N PHE A 191 -0.05 6.68 -4.58
CA PHE A 191 0.62 7.80 -5.28
C PHE A 191 2.12 7.57 -5.32
N TYR A 192 2.76 7.98 -6.39
CA TYR A 192 4.22 8.02 -6.53
C TYR A 192 4.72 9.43 -6.21
N PHE A 193 5.71 9.55 -5.33
CA PHE A 193 6.48 10.79 -5.06
C PHE A 193 7.96 10.52 -5.35
N LYS A 194 8.72 11.56 -5.68
CA LYS A 194 10.17 11.47 -5.92
C LYS A 194 10.94 11.19 -4.61
N SER A 195 10.42 11.61 -3.46
CA SER A 195 11.13 11.58 -2.16
C SER A 195 10.12 11.51 -1.03
N ASN A 196 10.62 11.38 0.20
CA ASN A 196 9.78 11.51 1.42
C ASN A 196 9.64 13.03 1.62
N PHE A 197 10.63 13.83 1.24
CA PHE A 197 10.49 15.30 1.29
C PHE A 197 9.20 15.73 0.55
N ASP A 198 8.96 15.19 -0.66
CA ASP A 198 7.77 15.58 -1.48
C ASP A 198 6.50 15.02 -0.85
N VAL A 199 6.55 13.83 -0.25
CA VAL A 199 5.41 13.29 0.54
C VAL A 199 5.01 14.30 1.62
N ARG A 200 5.97 14.75 2.41
CA ARG A 200 5.74 15.70 3.56
C ARG A 200 5.24 17.06 3.03
N LYS A 201 5.81 17.55 1.95
CA LYS A 201 5.47 18.90 1.44
C LYS A 201 4.05 18.91 0.86
N GLU A 202 3.61 17.86 0.19
CA GLU A 202 2.30 17.82 -0.53
C GLU A 202 1.25 17.08 0.28
N LEU A 203 1.48 15.84 0.69
CA LEU A 203 0.42 15.04 1.32
C LEU A 203 0.37 15.39 2.82
N ILE A 204 1.50 15.25 3.54
CA ILE A 204 1.44 15.39 5.03
C ILE A 204 0.96 16.80 5.40
N SER A 205 1.43 17.84 4.74
CA SER A 205 1.02 19.23 5.10
C SER A 205 -0.50 19.38 4.89
N ASP A 206 -1.06 18.70 3.90
CA ASP A 206 -2.50 18.77 3.54
C ASP A 206 -3.30 18.01 4.59
N ILE A 207 -2.75 16.91 5.13
CA ILE A 207 -3.41 16.20 6.26
C ILE A 207 -3.60 17.20 7.42
N TYR A 208 -2.55 17.89 7.84
CA TYR A 208 -2.65 18.87 8.96
C TYR A 208 -3.65 20.00 8.62
N GLN A 209 -3.62 20.50 7.38
CA GLN A 209 -4.45 21.68 6.96
C GLN A 209 -5.91 21.26 6.78
N ARG A 210 -6.24 20.10 6.22
CA ARG A 210 -7.62 19.80 5.77
C ARG A 210 -8.23 18.53 6.37
N PHE A 211 -7.46 17.49 6.72
CA PHE A 211 -8.05 16.24 7.27
C PHE A 211 -8.55 16.48 8.69
N TYR A 212 -7.90 17.38 9.41
CA TYR A 212 -8.28 17.80 10.78
C TYR A 212 -9.08 19.11 10.68
N SER A 213 -10.24 19.05 10.05
CA SER A 213 -11.15 20.19 9.83
C SER A 213 -12.56 19.61 9.88
N ASN A 214 -13.53 20.27 10.50
CA ASN A 214 -14.96 19.91 10.30
C ASN A 214 -15.62 20.91 9.33
N ASP A 215 -14.83 21.68 8.57
CA ASP A 215 -15.35 22.54 7.46
C ASP A 215 -15.52 21.64 6.25
N PRO A 216 -16.78 21.38 5.80
CA PRO A 216 -17.02 20.46 4.69
C PRO A 216 -16.27 20.87 3.41
N ASP A 217 -15.97 22.17 3.24
CA ASP A 217 -15.23 22.61 2.04
C ASP A 217 -13.70 22.52 2.24
N MSE A 218 -13.23 21.98 3.38
CA MSE A 218 -11.83 21.58 3.55
C MSE A 218 -11.71 20.06 3.43
O MSE A 218 -10.95 19.57 2.61
CB MSE A 218 -11.29 22.03 4.92
CG MSE A 218 -11.18 23.51 5.13
SE MSE A 218 -9.97 24.39 3.85
CE MSE A 218 -11.01 25.76 2.80
H MSE A 218 -13.88 21.85 4.14
HA MSE A 218 -11.31 22.00 2.84
HB2 MSE A 218 -10.43 21.66 5.03
HB3 MSE A 218 -11.87 21.70 5.60
HG2 MSE A 218 -10.85 23.70 6.03
HG3 MSE A 218 -12.06 23.93 5.04
HE1 MSE A 218 -10.42 26.19 2.17
HE2 MSE A 218 -11.37 26.41 3.42
HE3 MSE A 218 -11.72 25.31 2.33
N ILE A 219 -12.49 19.33 4.24
CA ILE A 219 -12.31 17.88 4.33
C ILE A 219 -12.88 17.16 3.10
N LEU A 220 -14.00 17.61 2.53
CA LEU A 220 -14.58 16.87 1.38
C LEU A 220 -13.67 17.02 0.15
N PRO A 221 -13.15 18.21 -0.18
CA PRO A 221 -12.14 18.30 -1.22
C PRO A 221 -10.80 17.57 -0.94
N PHE A 222 -10.36 17.49 0.32
CA PHE A 222 -9.18 16.65 0.70
C PHE A 222 -9.48 15.21 0.24
N PHE A 223 -10.67 14.70 0.53
CA PHE A 223 -11.09 13.33 0.14
C PHE A 223 -11.13 13.22 -1.39
N ASP A 224 -11.62 14.23 -2.11
CA ASP A 224 -11.65 14.18 -3.61
C ASP A 224 -10.24 14.09 -4.15
N LYS A 225 -9.28 14.74 -3.52
CA LYS A 225 -7.91 14.74 -4.07
C LYS A 225 -7.22 13.43 -3.70
N TRP A 226 -7.34 12.92 -2.48
CA TRP A 226 -6.43 11.85 -2.00
C TRP A 226 -7.11 10.48 -1.97
N ILE A 227 -8.43 10.37 -1.91
CA ILE A 227 -9.14 9.08 -1.64
C ILE A 227 -9.74 8.56 -2.96
N PHE A 228 -10.66 9.31 -3.60
CA PHE A 228 -11.09 9.09 -5.02
C PHE A 228 -11.94 10.31 -5.43
N SER A 229 -12.10 10.55 -6.72
CA SER A 229 -12.42 11.92 -7.26
C SER A 229 -13.81 12.42 -6.79
N TYR A 230 -14.71 11.53 -6.40
CA TYR A 230 -16.05 11.89 -5.87
C TYR A 230 -16.23 11.28 -4.46
N ALA A 231 -15.13 10.99 -3.76
CA ALA A 231 -15.15 10.55 -2.34
C ALA A 231 -15.85 11.62 -1.48
N GLY A 232 -15.74 12.90 -1.84
CA GLY A 232 -16.44 13.98 -1.11
C GLY A 232 -17.94 13.78 -1.06
N SER A 233 -18.54 13.27 -2.13
CA SER A 233 -20.01 13.02 -2.19
C SER A 233 -20.34 11.82 -1.32
N VAL A 234 -19.58 10.75 -1.47
CA VAL A 234 -19.82 9.48 -0.75
C VAL A 234 -19.67 9.71 0.78
N TYR A 235 -18.72 10.52 1.21
CA TYR A 235 -18.31 10.52 2.64
C TYR A 235 -19.11 11.55 3.46
N TYR A 236 -19.87 12.45 2.83
CA TYR A 236 -20.60 13.50 3.58
C TYR A 236 -21.44 12.82 4.65
N SER A 237 -22.25 11.81 4.27
CA SER A 237 -23.19 11.11 5.20
C SER A 237 -22.38 10.25 6.17
N ILE A 238 -21.33 9.62 5.69
CA ILE A 238 -20.46 8.75 6.52
C ILE A 238 -19.77 9.58 7.60
N LEU A 239 -19.27 10.76 7.27
CA LEU A 239 -18.59 11.65 8.25
C LEU A 239 -19.58 12.16 9.29
N MSE A 240 -20.83 12.37 8.91
CA MSE A 240 -21.83 12.82 9.87
C MSE A 240 -22.18 11.71 10.86
O MSE A 240 -22.59 12.00 11.98
CB MSE A 240 -23.09 13.34 9.16
CG MSE A 240 -22.90 14.68 8.45
SE MSE A 240 -24.61 15.37 7.73
CE MSE A 240 -25.26 14.11 6.36
H MSE A 240 -21.11 12.21 7.95
HA MSE A 240 -21.45 13.58 10.38
HB2 MSE A 240 -23.78 13.44 9.80
HB3 MSE A 240 -23.34 12.70 8.50
HG2 MSE A 240 -22.25 14.57 7.72
HG3 MSE A 240 -22.52 15.33 9.09
HE1 MSE A 240 -26.09 14.44 6.00
HE2 MSE A 240 -25.39 13.25 6.76
HE3 MSE A 240 -24.60 14.05 5.65
N ALA A 241 -22.03 10.44 10.46
CA ALA A 241 -22.34 9.31 11.32
C ALA A 241 -21.11 8.86 12.11
N SER A 242 -19.91 9.26 11.70
CA SER A 242 -18.62 8.78 12.27
C SER A 242 -18.12 9.75 13.35
N ASN A 243 -17.24 9.28 14.23
CA ASN A 243 -16.59 10.15 15.24
C ASN A 243 -15.09 9.88 15.30
N TYR A 244 -14.58 9.09 14.37
CA TYR A 244 -13.19 8.58 14.47
C TYR A 244 -12.71 8.21 13.07
N LEU A 245 -11.62 8.83 12.60
CA LEU A 245 -10.98 8.53 11.29
C LEU A 245 -9.54 8.16 11.57
N GLU A 246 -8.95 7.36 10.68
CA GLU A 246 -7.50 7.11 10.63
C GLU A 246 -7.00 7.22 9.18
N LEU A 247 -5.78 7.75 8.99
CA LEU A 247 -5.01 7.65 7.74
C LEU A 247 -3.72 6.91 8.07
N GLN A 248 -3.43 5.84 7.33
CA GLN A 248 -2.16 5.09 7.36
C GLN A 248 -1.47 5.22 6.02
N PRO A 249 -0.58 6.21 5.85
CA PRO A 249 0.19 6.35 4.63
C PRO A 249 1.43 5.45 4.66
N GLU A 250 1.32 4.20 4.21
CA GLU A 250 2.46 3.23 4.10
C GLU A 250 3.44 3.78 3.04
N ARG A 251 4.68 4.04 3.46
CA ARG A 251 5.77 4.56 2.60
C ARG A 251 6.58 3.36 2.08
N ILE A 252 6.35 2.99 0.82
CA ILE A 252 7.13 1.91 0.13
C ILE A 252 8.26 2.57 -0.69
N PHE A 253 9.50 2.51 -0.19
CA PHE A 253 10.64 3.12 -0.92
C PHE A 253 11.01 2.19 -2.06
N VAL A 254 11.14 2.75 -3.27
CA VAL A 254 11.55 2.00 -4.49
C VAL A 254 13.03 2.27 -4.68
N MSE A 255 13.82 1.18 -4.63
CA MSE A 255 15.27 1.29 -4.74
C MSE A 255 15.70 1.09 -6.19
O MSE A 255 14.90 0.68 -7.04
CB MSE A 255 15.95 0.31 -3.79
CG MSE A 255 15.40 0.34 -2.36
SE MSE A 255 15.48 2.11 -1.50
CE MSE A 255 17.43 2.15 -1.19
H MSE A 255 13.41 0.27 -4.51
HA MSE A 255 15.53 2.19 -4.46
HB2 MSE A 255 16.88 0.54 -3.75
HB3 MSE A 255 15.84 -0.57 -4.12
HG2 MSE A 255 15.91 -0.28 -1.81
HG3 MSE A 255 14.47 0.06 -2.37
HE1 MSE A 255 17.66 2.98 -0.75
HE2 MSE A 255 17.89 2.08 -2.04
HE3 MSE A 255 17.67 1.40 -0.62
N GLU A 256 16.97 1.36 -6.49
CA GLU A 256 17.43 1.40 -7.87
C GLU A 256 17.35 0.01 -8.53
N ASN A 257 17.71 -1.07 -7.85
CA ASN A 257 17.73 -2.42 -8.45
C ASN A 257 16.29 -2.92 -8.59
N GLU A 258 16.00 -3.58 -9.72
CA GLU A 258 14.71 -4.25 -10.02
C GLU A 258 14.30 -5.12 -8.82
N GLY A 259 13.11 -4.92 -8.27
CA GLY A 259 12.53 -5.81 -7.26
C GLY A 259 12.99 -5.50 -5.84
N ASP A 260 13.73 -4.41 -5.67
CA ASP A 260 14.24 -4.00 -4.35
C ASP A 260 13.35 -2.86 -3.84
N ILE A 261 12.55 -3.17 -2.81
CA ILE A 261 11.72 -2.22 -2.04
C ILE A 261 12.20 -2.24 -0.60
N PHE A 262 12.06 -1.11 0.07
CA PHE A 262 12.38 -0.92 1.50
C PHE A 262 11.16 -0.29 2.13
N VAL A 263 10.69 -0.92 3.21
CA VAL A 263 9.64 -0.38 4.12
C VAL A 263 10.21 -0.39 5.53
N SER A 264 10.38 0.78 6.08
CA SER A 264 10.87 0.94 7.45
C SER A 264 9.85 0.34 8.46
N ASP A 265 10.36 -0.37 9.46
CA ASP A 265 9.59 -0.83 10.63
C ASP A 265 9.11 0.43 11.36
N LEU A 266 9.65 1.58 11.01
CA LEU A 266 9.30 2.88 11.65
C LEU A 266 8.05 3.45 10.99
N ARG A 267 6.88 3.15 11.54
CA ARG A 267 5.56 3.41 10.91
C ARG A 267 4.86 4.47 11.75
N TYR A 268 4.06 5.34 11.13
CA TYR A 268 3.21 6.32 11.83
C TYR A 268 1.82 6.28 11.18
N TYR A 269 0.78 6.71 11.89
CA TYR A 269 -0.59 6.85 11.34
C TYR A 269 -1.19 8.09 11.98
N PHE A 270 -2.22 8.64 11.33
CA PHE A 270 -2.97 9.81 11.81
C PHE A 270 -4.27 9.29 12.40
N ALA A 271 -4.50 9.56 13.68
CA ALA A 271 -5.80 9.33 14.32
C ALA A 271 -6.47 10.69 14.42
N ASN A 272 -7.77 10.70 14.21
CA ASN A 272 -8.61 11.93 14.22
C ASN A 272 -9.84 11.68 15.09
N LEU A 273 -9.77 12.11 16.35
CA LEU A 273 -10.82 11.86 17.36
C LEU A 273 -11.84 12.97 17.22
N CYS A 274 -12.71 12.89 16.24
CA CYS A 274 -13.78 13.90 16.00
C CYS A 274 -14.60 14.09 17.29
N MSE A 275 -14.80 13.00 18.03
N MSE A 275 -14.80 13.03 18.06
CA MSE A 275 -15.58 12.99 19.26
CA MSE A 275 -15.66 13.09 19.24
C MSE A 275 -15.15 14.14 20.18
C MSE A 275 -15.15 14.15 20.21
O MSE A 275 -15.99 14.78 20.80
O MSE A 275 -15.96 14.76 20.91
CB MSE A 275 -15.41 11.63 19.96
CB MSE A 275 -15.79 11.71 19.89
CG MSE A 275 -15.75 11.61 21.44
CG MSE A 275 -14.63 11.30 20.77
SE MSE A 275 -15.56 9.80 22.19
SE MSE A 275 -13.15 10.58 19.72
CE MSE A 275 -17.37 9.08 22.30
CE MSE A 275 -13.59 8.81 19.03
H MSE A 275 -14.39 12.14 17.71
H MSE A 275 -14.35 12.14 17.82
HA MSE A 275 -16.52 13.12 19.04
HA MSE A 275 -16.57 13.34 18.94
HB2 MSE A 275 -14.50 11.35 19.87
HB2 MSE A 275 -15.88 11.05 19.21
HB3 MSE A 275 -15.98 11.00 19.54
HB3 MSE A 275 -16.57 11.70 20.44
HG2 MSE A 275 -16.67 11.93 21.57
HG2 MSE A 275 -14.92 10.63 21.42
HG3 MSE A 275 -15.16 12.23 21.92
HG3 MSE A 275 -14.31 12.09 21.27
HE1 MSE A 275 -17.33 8.18 22.65
HE1 MSE A 275 -12.84 8.46 18.51
HE2 MSE A 275 -17.75 9.06 21.41
HE2 MSE A 275 -14.37 8.88 18.46
HE3 MSE A 275 -17.90 9.65 22.87
HE3 MSE A 275 -13.77 8.20 19.77
N LYS A 276 -13.84 14.39 20.23
CA LYS A 276 -13.27 15.37 21.16
C LYS A 276 -13.00 16.71 20.47
N ARG A 277 -12.77 16.74 19.15
CA ARG A 277 -12.35 17.97 18.43
C ARG A 277 -13.53 18.90 18.10
N ASN A 278 -14.68 18.35 17.71
CA ASN A 278 -15.84 19.11 17.15
C ASN A 278 -16.94 19.26 18.20
N PRO A 279 -17.70 20.38 18.23
CA PRO A 279 -18.81 20.55 19.18
C PRO A 279 -19.85 19.42 19.11
N ASN A 280 -20.28 18.97 17.93
CA ASN A 280 -21.35 17.96 17.76
C ASN A 280 -20.80 16.53 17.94
N LYS A 281 -19.49 16.34 18.21
CA LYS A 281 -18.86 15.05 18.61
C LYS A 281 -18.81 14.06 17.43
N HIS A 282 -19.04 14.54 16.20
CA HIS A 282 -18.94 13.77 14.95
C HIS A 282 -18.01 14.50 13.96
N CYS A 283 -17.64 13.83 12.88
CA CYS A 283 -16.61 14.31 11.92
C CYS A 283 -17.20 15.44 11.07
N LEU A 284 -18.51 15.44 10.89
CA LEU A 284 -19.27 16.54 10.26
C LEU A 284 -20.62 16.66 10.96
N ASP B 22 -19.09 -14.72 2.17
CA ASP B 22 -17.61 -14.58 2.34
C ASP B 22 -16.91 -15.24 1.15
N GLY B 23 -15.59 -15.46 1.22
CA GLY B 23 -14.71 -15.78 0.06
C GLY B 23 -14.14 -14.51 -0.58
N LEU B 24 -13.78 -14.60 -1.87
CA LEU B 24 -13.29 -13.46 -2.67
C LEU B 24 -14.49 -12.60 -3.05
N ILE B 25 -14.44 -11.30 -2.71
CA ILE B 25 -15.55 -10.33 -2.88
C ILE B 25 -15.02 -9.17 -3.71
N PHE B 26 -15.63 -8.90 -4.86
CA PHE B 26 -15.23 -7.72 -5.68
C PHE B 26 -15.68 -6.45 -4.96
N SER B 27 -14.83 -5.43 -5.04
CA SER B 27 -14.95 -4.16 -4.31
C SER B 27 -14.65 -3.01 -5.26
N PRO B 28 -15.56 -2.72 -6.19
CA PRO B 28 -15.43 -1.54 -7.05
C PRO B 28 -15.69 -0.27 -6.22
N LEU B 29 -15.09 0.87 -6.60
CA LEU B 29 -15.55 2.18 -6.07
C LEU B 29 -17.08 2.22 -6.17
N PRO B 30 -17.80 2.90 -5.25
CA PRO B 30 -19.22 3.19 -5.44
C PRO B 30 -19.38 3.80 -6.84
N GLN B 31 -20.41 3.40 -7.57
CA GLN B 31 -20.62 3.85 -8.98
C GLN B 31 -20.88 5.37 -8.97
N ASN B 32 -20.08 6.09 -9.74
CA ASN B 32 -20.26 7.52 -10.03
C ASN B 32 -21.61 7.69 -10.75
N LYS B 33 -22.38 8.71 -10.40
CA LYS B 33 -23.68 9.01 -11.05
C LYS B 33 -23.46 9.19 -12.57
N ASN B 34 -24.45 8.77 -13.37
CA ASN B 34 -24.49 9.02 -14.83
C ASN B 34 -23.31 8.35 -15.53
N THR B 35 -23.00 7.12 -15.15
CA THR B 35 -22.01 6.27 -15.85
C THR B 35 -22.58 4.85 -16.00
N VAL B 36 -22.20 4.17 -17.07
CA VAL B 36 -22.37 2.71 -17.26
C VAL B 36 -21.00 2.06 -16.93
N VAL B 37 -20.98 1.05 -16.05
CA VAL B 37 -19.75 0.35 -15.58
C VAL B 37 -19.96 -1.15 -15.82
N ARG B 38 -19.03 -1.80 -16.52
CA ARG B 38 -19.06 -3.27 -16.77
C ARG B 38 -17.75 -3.89 -16.25
N HIS B 39 -17.86 -4.98 -15.47
CA HIS B 39 -16.75 -5.72 -14.82
C HIS B 39 -16.65 -7.11 -15.45
N TYR B 40 -15.45 -7.56 -15.80
CA TYR B 40 -15.17 -8.92 -16.34
C TYR B 40 -13.94 -9.43 -15.60
N SER B 41 -14.05 -10.60 -14.97
CA SER B 41 -12.92 -11.25 -14.28
C SER B 41 -13.14 -12.75 -14.21
N ASN B 42 -12.06 -13.49 -14.32
CA ASN B 42 -11.99 -14.90 -13.89
C ASN B 42 -10.96 -14.96 -12.75
N GLU B 43 -10.65 -13.85 -12.07
CA GLU B 43 -9.64 -13.86 -10.96
C GLU B 43 -10.19 -14.64 -9.76
N GLN B 44 -11.51 -14.86 -9.69
CA GLN B 44 -12.18 -15.58 -8.56
C GLN B 44 -11.95 -17.08 -8.70
N GLU B 45 -11.41 -17.54 -9.83
CA GLU B 45 -10.99 -18.96 -10.02
C GLU B 45 -9.82 -19.27 -9.06
N MSE B 46 -9.99 -20.31 -8.27
CA MSE B 46 -8.91 -20.78 -7.41
C MSE B 46 -7.70 -21.18 -8.25
O MSE B 46 -7.85 -21.88 -9.26
CB MSE B 46 -9.42 -21.94 -6.59
CG MSE B 46 -8.52 -22.35 -5.51
SE MSE B 46 -9.65 -23.62 -4.59
CE MSE B 46 -10.77 -22.52 -3.42
H MSE B 46 -10.88 -20.80 -8.25
HA MSE B 46 -8.63 -20.02 -6.83
HB2 MSE B 46 -9.55 -22.68 -7.17
HB3 MSE B 46 -10.25 -21.69 -6.20
HG2 MSE B 46 -8.25 -21.56 -4.98
HG3 MSE B 46 -7.69 -22.73 -5.90
HE1 MSE B 46 -11.37 -23.09 -2.92
HE2 MSE B 46 -11.28 -21.90 -3.97
HE3 MSE B 46 -10.20 -22.02 -2.82
N PRO B 47 -6.47 -20.72 -7.96
CA PRO B 47 -5.29 -21.07 -8.76
C PRO B 47 -5.04 -22.60 -8.76
N ASN B 48 -4.79 -23.16 -9.93
CA ASN B 48 -4.38 -24.58 -10.03
C ASN B 48 -2.86 -24.61 -10.25
N LEU B 49 -2.14 -24.93 -9.19
CA LEU B 49 -0.66 -24.97 -9.17
C LEU B 49 -0.15 -25.97 -10.23
N SER B 50 -0.86 -27.08 -10.47
CA SER B 50 -0.46 -28.02 -11.55
C SER B 50 -0.49 -27.34 -12.92
N GLN B 51 -1.59 -26.64 -13.27
CA GLN B 51 -1.70 -25.95 -14.57
C GLN B 51 -0.53 -24.94 -14.66
N MSE B 52 -0.43 -24.11 -13.59
CA MSE B 52 0.39 -22.89 -13.64
C MSE B 52 1.87 -23.24 -13.81
O MSE B 52 2.61 -22.48 -14.45
CB MSE B 52 0.14 -22.04 -12.39
CG MSE B 52 -1.24 -21.38 -12.39
SE MSE B 52 -1.44 -20.12 -10.90
CE MSE B 52 -0.78 -18.51 -11.77
H MSE B 52 -0.92 -24.33 -12.73
HA MSE B 52 0.11 -22.37 -14.43
HB2 MSE B 52 0.80 -21.37 -12.34
HB3 MSE B 52 0.19 -22.61 -11.62
HG2 MSE B 52 -1.94 -22.06 -12.33
HG3 MSE B 52 -1.36 -20.88 -13.23
HE1 MSE B 52 -0.83 -17.77 -11.14
HE2 MSE B 52 -1.34 -18.31 -12.54
HE3 MSE B 52 0.13 -18.65 -12.05
N ALA B 53 2.27 -24.40 -13.27
CA ALA B 53 3.64 -24.89 -13.40
C ALA B 53 3.96 -25.27 -14.85
N GLN B 54 2.95 -25.47 -15.71
CA GLN B 54 3.17 -25.80 -17.16
C GLN B 54 3.64 -24.57 -17.96
N ARG B 55 3.46 -23.34 -17.48
CA ARG B 55 4.00 -22.16 -18.20
C ARG B 55 5.53 -22.16 -17.98
N THR B 56 6.33 -22.14 -19.04
CA THR B 56 7.81 -22.00 -18.98
C THR B 56 8.24 -20.58 -19.39
N ILE B 57 7.45 -19.85 -20.18
CA ILE B 57 7.80 -18.46 -20.63
C ILE B 57 7.41 -17.50 -19.51
N ASP B 58 8.36 -16.73 -18.98
CA ASP B 58 8.14 -15.79 -17.86
C ASP B 58 7.66 -14.42 -18.43
N PHE B 59 6.39 -14.27 -18.77
CA PHE B 59 5.86 -13.11 -19.53
C PHE B 59 5.32 -12.04 -18.56
N PRO B 60 5.54 -10.74 -18.81
CA PRO B 60 4.99 -9.70 -17.97
C PRO B 60 3.45 -9.65 -17.99
N THR B 61 2.87 -9.21 -16.88
CA THR B 61 1.44 -8.84 -16.81
C THR B 61 1.18 -7.77 -17.87
N GLN B 62 0.12 -7.97 -18.61
CA GLN B 62 -0.40 -7.01 -19.63
C GLN B 62 -1.34 -6.02 -18.95
N ILE B 63 -1.19 -4.73 -19.26
CA ILE B 63 -1.92 -3.60 -18.67
C ILE B 63 -2.63 -2.82 -19.78
N VAL B 64 -3.92 -2.54 -19.62
CA VAL B 64 -4.67 -1.59 -20.45
C VAL B 64 -5.18 -0.46 -19.54
N ARG B 65 -4.86 0.77 -19.87
CA ARG B 65 -5.32 1.97 -19.10
C ARG B 65 -5.63 3.05 -20.12
N VAL B 66 -6.73 2.85 -20.83
CA VAL B 66 -7.13 3.64 -22.02
C VAL B 66 -8.30 4.51 -21.60
N SER B 67 -8.32 5.74 -22.07
CA SER B 67 -9.47 6.64 -21.82
C SER B 67 -9.56 7.75 -22.88
N GLY B 68 -10.73 8.38 -22.97
CA GLY B 68 -10.94 9.47 -23.91
C GLY B 68 -12.29 10.13 -23.76
N ASN B 69 -12.36 11.36 -24.24
CA ASN B 69 -13.56 12.21 -24.29
C ASN B 69 -14.31 11.94 -25.59
N LEU B 70 -15.57 11.47 -25.53
CA LEU B 70 -16.35 11.19 -26.76
C LEU B 70 -17.39 12.29 -26.99
N THR B 71 -17.42 13.33 -26.16
CA THR B 71 -18.47 14.40 -26.24
C THR B 71 -18.49 14.97 -27.66
N GLY B 72 -19.65 14.94 -28.33
CA GLY B 72 -19.86 15.50 -29.69
C GLY B 72 -19.78 14.46 -30.76
N LEU B 73 -19.36 13.22 -30.46
CA LEU B 73 -19.27 12.13 -31.47
C LEU B 73 -20.62 11.41 -31.64
N GLU B 74 -21.63 11.67 -30.82
CA GLU B 74 -22.97 11.03 -30.94
C GLU B 74 -22.82 9.49 -30.93
N LEU B 75 -21.95 8.93 -30.09
CA LEU B 75 -21.89 7.47 -29.82
C LEU B 75 -22.80 7.15 -28.62
N SER B 76 -23.53 6.06 -28.71
CA SER B 76 -24.21 5.46 -27.54
C SER B 76 -23.17 4.74 -26.68
N CYS B 77 -23.42 4.66 -25.38
CA CYS B 77 -22.71 3.77 -24.43
C CYS B 77 -22.69 2.32 -24.98
N ASP B 78 -23.77 1.84 -25.56
CA ASP B 78 -23.85 0.54 -26.31
C ASP B 78 -22.77 0.47 -27.40
N ASP B 79 -22.68 1.49 -28.28
CA ASP B 79 -21.67 1.55 -29.38
C ASP B 79 -20.26 1.40 -28.79
N VAL B 80 -20.00 2.08 -27.69
CA VAL B 80 -18.68 2.11 -27.01
C VAL B 80 -18.41 0.70 -26.48
N GLU B 81 -19.32 0.15 -25.70
CA GLU B 81 -19.18 -1.21 -25.10
C GLU B 81 -19.00 -2.26 -26.22
N ASN B 82 -19.79 -2.19 -27.29
CA ASN B 82 -19.73 -3.18 -28.41
C ASN B 82 -18.36 -3.10 -29.12
N GLU B 83 -17.86 -1.90 -29.39
CA GLU B 83 -16.55 -1.72 -30.07
C GLU B 83 -15.44 -2.31 -29.19
N ILE B 84 -15.44 -1.98 -27.89
CA ILE B 84 -14.39 -2.48 -26.95
C ILE B 84 -14.46 -4.01 -26.86
N ASP B 85 -15.64 -4.59 -26.90
CA ASP B 85 -15.88 -6.06 -26.89
C ASP B 85 -15.25 -6.68 -28.15
N GLN B 86 -15.46 -6.07 -29.32
CA GLN B 86 -14.98 -6.61 -30.62
C GLN B 86 -13.45 -6.65 -30.68
N VAL B 87 -12.76 -5.66 -30.14
CA VAL B 87 -11.31 -5.52 -30.39
C VAL B 87 -10.49 -5.92 -29.16
N PHE B 88 -11.11 -6.09 -27.99
CA PHE B 88 -10.39 -6.41 -26.73
C PHE B 88 -11.07 -7.58 -25.99
N SER B 89 -12.24 -7.39 -25.38
CA SER B 89 -12.84 -8.37 -24.43
C SER B 89 -13.03 -9.75 -25.05
N LYS B 90 -13.56 -9.84 -26.26
CA LYS B 90 -13.85 -11.17 -26.86
C LYS B 90 -12.56 -11.83 -27.34
N LYS B 91 -11.43 -11.13 -27.37
CA LYS B 91 -10.14 -11.63 -27.89
C LYS B 91 -9.31 -12.21 -26.75
N ILE B 92 -9.69 -11.93 -25.49
CA ILE B 92 -8.99 -12.38 -24.25
C ILE B 92 -9.87 -13.42 -23.54
N SER B 93 -9.69 -14.69 -23.87
CA SER B 93 -10.53 -15.80 -23.39
C SER B 93 -10.12 -16.24 -21.98
N PRO B 94 -11.12 -16.58 -21.12
CA PRO B 94 -10.84 -17.14 -19.79
C PRO B 94 -10.10 -18.48 -19.87
N ASN B 95 -10.05 -19.14 -21.03
CA ASN B 95 -9.31 -20.42 -21.20
C ASN B 95 -7.80 -20.19 -21.45
N LEU B 96 -7.36 -19.02 -21.90
CA LEU B 96 -5.92 -18.72 -22.18
C LEU B 96 -5.36 -17.70 -21.18
N PHE B 97 -6.23 -16.91 -20.56
CA PHE B 97 -5.78 -15.80 -19.70
C PHE B 97 -6.52 -15.79 -18.35
N THR B 98 -5.83 -15.26 -17.34
CA THR B 98 -6.44 -14.72 -16.12
C THR B 98 -6.56 -13.22 -16.33
N TYR B 99 -7.75 -12.66 -16.22
CA TYR B 99 -7.96 -11.20 -16.52
C TYR B 99 -8.86 -10.57 -15.46
N ASN B 100 -8.71 -9.27 -15.32
CA ASN B 100 -9.53 -8.38 -14.47
C ASN B 100 -9.73 -7.08 -15.27
N THR B 101 -10.95 -6.81 -15.69
CA THR B 101 -11.27 -5.72 -16.67
C THR B 101 -12.47 -4.89 -16.19
N TYR B 102 -12.36 -3.57 -16.33
CA TYR B 102 -13.44 -2.59 -16.02
C TYR B 102 -13.54 -1.67 -17.25
N VAL B 103 -14.74 -1.58 -17.80
CA VAL B 103 -15.10 -0.69 -18.92
C VAL B 103 -16.19 0.26 -18.41
N SER B 104 -15.94 1.57 -18.42
CA SER B 104 -16.94 2.54 -17.97
C SER B 104 -17.17 3.52 -19.09
N CYS B 105 -18.35 4.12 -19.07
CA CYS B 105 -18.83 5.03 -20.13
C CYS B 105 -19.75 6.02 -19.43
N GLY B 106 -19.30 7.27 -19.36
CA GLY B 106 -20.08 8.40 -18.85
C GLY B 106 -21.12 8.82 -19.88
N TYR B 107 -22.16 9.48 -19.44
CA TYR B 107 -23.15 10.08 -20.35
C TYR B 107 -23.74 11.32 -19.67
N ASP B 108 -24.35 12.23 -20.44
CA ASP B 108 -25.08 13.38 -19.83
C ASP B 108 -26.52 12.95 -19.59
N VAL B 109 -26.95 12.99 -18.34
CA VAL B 109 -28.28 12.47 -17.96
C VAL B 109 -29.36 13.34 -18.65
N ASN B 110 -29.09 14.64 -18.90
CA ASN B 110 -30.05 15.63 -19.45
C ASN B 110 -30.08 15.59 -20.99
N ASP B 111 -29.11 14.93 -21.62
CA ASP B 111 -29.09 14.78 -23.10
C ASP B 111 -30.19 13.78 -23.49
N PRO B 112 -31.16 14.16 -24.36
CA PRO B 112 -32.26 13.27 -24.76
C PRO B 112 -31.83 11.93 -25.36
N GLU B 113 -30.65 11.87 -25.94
CA GLU B 113 -30.09 10.59 -26.44
C GLU B 113 -29.21 9.99 -25.37
N GLN B 114 -28.83 10.72 -24.31
CA GLN B 114 -27.82 10.30 -23.29
C GLN B 114 -26.56 9.72 -24.00
N HIS B 115 -26.06 10.44 -24.99
CA HIS B 115 -24.79 10.07 -25.69
C HIS B 115 -23.63 9.88 -24.70
N ALA B 116 -22.73 8.94 -25.00
CA ALA B 116 -21.46 8.74 -24.27
C ALA B 116 -20.67 10.05 -24.29
N THR B 117 -20.07 10.40 -23.15
CA THR B 117 -19.28 11.63 -22.98
C THR B 117 -17.79 11.28 -22.92
N ASN B 118 -17.46 10.16 -22.32
CA ASN B 118 -16.08 9.72 -22.00
C ASN B 118 -16.12 8.22 -21.73
N PHE B 119 -15.00 7.54 -21.86
CA PHE B 119 -14.93 6.08 -21.63
C PHE B 119 -13.58 5.78 -21.00
N SER B 120 -13.49 4.62 -20.37
CA SER B 120 -12.18 4.08 -19.98
C SER B 120 -12.21 2.56 -20.00
N ILE B 121 -11.01 2.02 -20.22
CA ILE B 121 -10.71 0.57 -20.11
C ILE B 121 -9.55 0.45 -19.15
N GLN B 122 -9.76 -0.29 -18.07
CA GLN B 122 -8.75 -0.60 -17.04
C GLN B 122 -8.66 -2.13 -16.99
N SER B 123 -7.51 -2.72 -17.34
CA SER B 123 -7.38 -4.19 -17.37
C SER B 123 -5.96 -4.59 -16.97
N TYR B 124 -5.85 -5.70 -16.23
CA TYR B 124 -4.60 -6.48 -16.12
C TYR B 124 -4.95 -7.92 -16.44
N PHE B 125 -4.07 -8.56 -17.20
CA PHE B 125 -4.26 -9.96 -17.60
C PHE B 125 -2.90 -10.61 -17.80
N ASP B 126 -2.88 -11.94 -17.68
CA ASP B 126 -1.67 -12.81 -17.78
C ASP B 126 -2.03 -14.03 -18.62
N PRO B 127 -1.15 -14.38 -19.58
CA PRO B 127 -1.30 -15.63 -20.33
C PRO B 127 -1.05 -16.81 -19.40
N LEU B 128 -1.84 -17.87 -19.51
CA LEU B 128 -1.79 -19.03 -18.58
C LEU B 128 -0.81 -20.10 -19.04
N THR B 129 -0.54 -20.18 -20.35
CA THR B 129 0.22 -21.24 -21.03
C THR B 129 1.17 -20.63 -22.09
N ASP B 130 2.15 -21.42 -22.54
CA ASP B 130 3.12 -21.08 -23.61
C ASP B 130 2.32 -20.80 -24.89
N ASN B 131 1.28 -21.57 -25.18
CA ASN B 131 0.44 -21.40 -26.39
C ASN B 131 -0.32 -20.07 -26.28
N ALA B 132 -0.72 -19.69 -25.09
CA ALA B 132 -1.45 -18.42 -24.85
C ALA B 132 -0.53 -17.23 -25.10
N VAL B 133 0.76 -17.36 -24.77
CA VAL B 133 1.81 -16.35 -25.09
C VAL B 133 1.90 -16.20 -26.62
N ASP B 134 1.90 -17.31 -27.40
CA ASP B 134 1.86 -17.27 -28.89
C ASP B 134 0.62 -16.50 -29.36
N TYR B 135 -0.55 -16.83 -28.84
CA TYR B 135 -1.81 -16.14 -29.21
C TYR B 135 -1.66 -14.66 -28.86
N LEU B 136 -1.09 -14.33 -27.69
CA LEU B 136 -0.97 -12.94 -27.21
C LEU B 136 -0.08 -12.14 -28.19
N LYS B 137 1.03 -12.72 -28.64
CA LYS B 137 1.96 -12.01 -29.57
C LYS B 137 1.24 -11.72 -30.88
N SER B 138 0.40 -12.63 -31.38
CA SER B 138 -0.45 -12.43 -32.59
C SER B 138 -1.52 -11.35 -32.35
N TYR B 139 -2.16 -11.38 -31.18
CA TYR B 139 -3.18 -10.39 -30.80
C TYR B 139 -2.52 -9.01 -30.78
N LEU B 140 -1.39 -8.85 -30.09
CA LEU B 140 -0.67 -7.56 -29.99
C LEU B 140 -0.32 -7.03 -31.39
N LYS B 141 0.12 -7.90 -32.30
CA LYS B 141 0.51 -7.48 -33.68
C LYS B 141 -0.69 -6.90 -34.42
N GLU B 142 -1.87 -7.50 -34.29
CA GLU B 142 -3.07 -7.06 -35.02
C GLU B 142 -3.75 -5.87 -34.33
N TYR B 143 -3.75 -5.76 -32.99
CA TYR B 143 -4.67 -4.82 -32.28
C TYR B 143 -3.93 -3.75 -31.48
N ASN B 144 -2.66 -3.93 -31.15
CA ASN B 144 -1.95 -2.86 -30.40
C ASN B 144 -1.91 -1.60 -31.26
N GLY B 145 -2.34 -0.46 -30.71
CA GLY B 145 -2.42 0.82 -31.42
C GLY B 145 -3.71 0.99 -32.20
N TYR B 146 -4.70 0.10 -32.01
CA TYR B 146 -5.98 0.18 -32.76
C TYR B 146 -6.65 1.54 -32.44
N ASN B 147 -7.25 2.14 -33.45
CA ASN B 147 -7.85 3.49 -33.37
C ASN B 147 -9.22 3.35 -32.68
N LEU B 148 -9.39 3.87 -31.48
CA LEU B 148 -10.71 3.86 -30.77
C LEU B 148 -11.44 5.21 -31.04
N PHE B 149 -12.53 5.18 -31.81
CA PHE B 149 -13.49 6.30 -31.92
C PHE B 149 -12.81 7.59 -32.41
N ASN B 150 -11.67 7.48 -33.12
CA ASN B 150 -10.89 8.63 -33.66
C ASN B 150 -10.48 9.53 -32.52
N THR B 151 -10.34 9.00 -31.31
CA THR B 151 -10.06 9.82 -30.11
C THR B 151 -8.79 9.38 -29.41
N THR B 152 -8.45 8.09 -29.40
CA THR B 152 -7.29 7.56 -28.64
C THR B 152 -6.98 6.19 -29.22
N THR B 153 -6.01 5.50 -28.68
CA THR B 153 -5.63 4.18 -29.21
C THR B 153 -5.71 3.16 -28.08
N LEU B 154 -6.07 1.96 -28.45
CA LEU B 154 -5.93 0.76 -27.60
C LEU B 154 -4.44 0.51 -27.44
N GLN B 155 -3.91 0.62 -26.22
CA GLN B 155 -2.50 0.26 -25.91
C GLN B 155 -2.51 -0.82 -24.82
N ILE B 156 -1.85 -1.93 -25.10
CA ILE B 156 -1.54 -2.99 -24.10
C ILE B 156 -0.09 -2.73 -23.71
N GLU B 157 0.19 -2.61 -22.41
CA GLU B 157 1.54 -2.31 -21.90
C GLU B 157 2.03 -3.48 -21.05
N ASN B 158 3.34 -3.66 -20.97
CA ASN B 158 4.02 -4.63 -20.06
C ASN B 158 4.24 -3.96 -18.71
N ALA B 159 3.67 -4.47 -17.62
CA ALA B 159 4.07 -4.07 -16.25
C ALA B 159 5.50 -4.59 -16.02
N LYS B 160 6.36 -3.81 -15.41
CA LYS B 160 7.72 -4.24 -15.04
C LYS B 160 7.63 -5.20 -13.86
N GLY B 161 6.73 -4.92 -12.93
CA GLY B 161 6.50 -5.75 -11.75
C GLY B 161 5.29 -5.30 -10.96
N ILE B 162 5.14 -5.85 -9.77
CA ILE B 162 3.94 -5.53 -8.98
C ILE B 162 4.32 -5.54 -7.50
N ILE B 163 3.92 -4.48 -6.83
CA ILE B 163 4.04 -4.36 -5.35
C ILE B 163 2.67 -4.67 -4.80
N VAL B 164 2.57 -5.70 -3.99
CA VAL B 164 1.36 -6.02 -3.21
C VAL B 164 1.52 -5.35 -1.85
N SER B 165 0.63 -4.43 -1.54
CA SER B 165 0.51 -3.85 -0.18
C SER B 165 -0.75 -4.41 0.44
N MSE B 166 -0.57 -5.45 1.25
CA MSE B 166 -1.68 -6.22 1.77
C MSE B 166 -2.02 -5.78 3.19
O MSE B 166 -1.15 -5.77 4.05
CB MSE B 166 -1.38 -7.72 1.77
CG MSE B 166 -2.58 -8.56 2.12
SE MSE B 166 -2.26 -10.43 1.66
CE MSE B 166 -0.71 -10.86 2.81
H MSE B 166 0.38 -5.70 1.51
HA MSE B 166 -2.47 -6.06 1.20
HB2 MSE B 166 -0.69 -7.89 2.41
HB3 MSE B 166 -1.08 -7.97 0.90
HG2 MSE B 166 -3.37 -8.24 1.64
HG3 MSE B 166 -2.77 -8.48 3.09
HE1 MSE B 166 -0.45 -11.78 2.66
HE2 MSE B 166 -0.95 -10.72 3.74
HE3 MSE B 166 0.03 -10.27 2.58
N ASN B 167 -3.31 -5.49 3.39
CA ASN B 167 -3.88 -5.18 4.69
C ASN B 167 -4.60 -6.43 5.26
N LEU B 168 -4.43 -6.70 6.55
CA LEU B 168 -5.21 -7.70 7.31
C LEU B 168 -6.09 -6.95 8.31
N ASN B 169 -7.40 -7.22 8.32
CA ASN B 169 -8.38 -6.77 9.36
C ASN B 169 -8.83 -7.98 10.18
N ALA B 170 -8.85 -7.85 11.51
CA ALA B 170 -9.48 -8.81 12.44
C ALA B 170 -10.47 -8.07 13.34
N GLY B 171 -11.66 -8.63 13.52
CA GLY B 171 -12.68 -8.04 14.40
C GLY B 171 -13.84 -8.96 14.68
N LEU B 172 -14.92 -8.38 15.21
CA LEU B 172 -16.16 -9.07 15.61
C LEU B 172 -17.31 -8.38 14.88
N LYS B 173 -17.94 -9.09 13.95
CA LYS B 173 -19.18 -8.70 13.23
C LYS B 173 -20.38 -9.34 13.95
N SER B 174 -21.40 -8.56 14.33
CA SER B 174 -22.62 -9.07 15.00
C SER B 174 -23.62 -9.58 13.96
N ASN B 175 -23.85 -8.83 12.87
CA ASN B 175 -24.80 -9.21 11.79
C ASN B 175 -24.03 -9.45 10.50
N PRO B 176 -23.96 -10.72 10.02
CA PRO B 176 -23.09 -11.08 8.89
C PRO B 176 -23.49 -10.55 7.49
N ASP B 177 -24.74 -10.11 7.29
CA ASP B 177 -25.24 -9.62 5.98
C ASP B 177 -24.98 -8.11 5.83
N LYS B 178 -24.41 -7.47 6.84
CA LYS B 178 -24.04 -6.03 6.82
C LYS B 178 -22.52 -5.84 6.97
N THR B 179 -22.03 -4.68 6.51
CA THR B 179 -20.60 -4.31 6.36
C THR B 179 -20.01 -3.89 7.72
N PRO B 180 -20.69 -3.13 8.61
CA PRO B 180 -20.05 -2.72 9.85
C PRO B 180 -19.56 -3.94 10.66
N PHE B 181 -18.52 -3.72 11.47
CA PHE B 181 -17.98 -4.67 12.47
C PHE B 181 -17.02 -3.94 13.40
N THR B 182 -16.68 -4.56 14.52
CA THR B 182 -15.75 -4.00 15.54
C THR B 182 -14.33 -4.40 15.09
N LEU B 183 -13.54 -3.42 14.62
CA LEU B 183 -12.12 -3.65 14.25
C LEU B 183 -11.29 -3.79 15.52
N TYR B 184 -10.59 -4.92 15.68
CA TYR B 184 -9.67 -5.21 16.82
C TYR B 184 -8.24 -4.89 16.40
N ARG B 185 -7.86 -5.25 15.17
CA ARG B 185 -6.46 -5.10 14.73
C ARG B 185 -6.37 -5.00 13.20
N GLN B 186 -5.38 -4.24 12.77
CA GLN B 186 -5.01 -3.99 11.38
C GLN B 186 -3.48 -4.08 11.27
N ASP B 187 -2.97 -4.72 10.23
CA ASP B 187 -1.52 -4.78 9.89
C ASP B 187 -1.36 -4.72 8.37
N ARG B 188 -0.26 -4.14 7.91
CA ARG B 188 0.14 -4.06 6.49
C ARG B 188 1.49 -4.77 6.30
N ASN B 189 1.64 -5.50 5.20
CA ASN B 189 2.96 -5.97 4.74
C ASN B 189 3.01 -5.77 3.23
N ASN B 190 4.21 -5.68 2.69
CA ASN B 190 4.47 -5.28 1.29
C ASN B 190 5.46 -6.27 0.66
N PHE B 191 5.22 -6.72 -0.54
CA PHE B 191 6.11 -7.68 -1.25
C PHE B 191 6.11 -7.34 -2.73
N TYR B 192 7.25 -7.62 -3.34
CA TYR B 192 7.45 -7.44 -4.78
C TYR B 192 7.27 -8.79 -5.46
N PHE B 193 6.59 -8.80 -6.59
CA PHE B 193 6.52 -9.92 -7.54
C PHE B 193 6.81 -9.40 -8.95
N LYS B 194 7.22 -10.30 -9.84
CA LYS B 194 7.51 -9.99 -11.26
C LYS B 194 6.21 -9.79 -12.02
N SER B 195 5.14 -10.45 -11.60
CA SER B 195 3.88 -10.46 -12.35
C SER B 195 2.72 -10.87 -11.45
N ASN B 196 1.51 -10.54 -11.89
CA ASN B 196 0.25 -11.00 -11.28
C ASN B 196 0.15 -12.53 -11.32
N PHE B 197 0.65 -13.18 -12.37
CA PHE B 197 0.74 -14.67 -12.46
C PHE B 197 1.48 -15.19 -11.22
N ASP B 198 2.59 -14.56 -10.89
CA ASP B 198 3.43 -14.96 -9.74
C ASP B 198 2.71 -14.66 -8.43
N VAL B 199 1.97 -13.53 -8.33
CA VAL B 199 1.13 -13.21 -7.14
C VAL B 199 0.12 -14.35 -6.91
N ARG B 200 -0.54 -14.79 -7.97
CA ARG B 200 -1.57 -15.86 -7.90
C ARG B 200 -0.91 -17.20 -7.50
N LYS B 201 0.24 -17.52 -8.07
CA LYS B 201 0.94 -18.80 -7.79
C LYS B 201 1.37 -18.87 -6.33
N GLU B 202 1.91 -17.80 -5.75
CA GLU B 202 2.51 -17.83 -4.38
C GLU B 202 1.55 -17.35 -3.29
N LEU B 203 0.98 -16.15 -3.42
CA LEU B 203 0.16 -15.56 -2.33
C LEU B 203 -1.27 -16.09 -2.40
N ILE B 204 -1.94 -15.95 -3.55
CA ILE B 204 -3.39 -16.25 -3.68
C ILE B 204 -3.60 -17.74 -3.36
N SER B 205 -2.82 -18.66 -3.95
CA SER B 205 -2.89 -20.12 -3.66
C SER B 205 -2.80 -20.32 -2.14
N ASP B 206 -1.87 -19.64 -1.48
CA ASP B 206 -1.63 -19.81 -0.02
C ASP B 206 -2.82 -19.25 0.77
N ILE B 207 -3.46 -18.18 0.29
CA ILE B 207 -4.68 -17.66 0.97
C ILE B 207 -5.76 -18.76 0.97
N TYR B 208 -6.04 -19.36 -0.18
CA TYR B 208 -7.05 -20.45 -0.26
C TYR B 208 -6.63 -21.62 0.64
N GLN B 209 -5.34 -21.98 0.69
CA GLN B 209 -4.87 -23.20 1.44
C GLN B 209 -4.92 -22.97 2.94
N ARG B 210 -4.55 -21.79 3.46
CA ARG B 210 -4.25 -21.65 4.92
C ARG B 210 -5.00 -20.49 5.58
N PHE B 211 -5.42 -19.44 4.85
CA PHE B 211 -6.15 -18.29 5.45
C PHE B 211 -7.54 -18.77 5.86
N TYR B 212 -8.14 -19.63 5.02
CA TYR B 212 -9.50 -20.20 5.21
C TYR B 212 -9.34 -21.52 5.95
N SER B 213 -8.73 -21.47 7.14
CA SER B 213 -8.50 -22.63 8.04
C SER B 213 -8.66 -22.18 9.49
N ASN B 214 -9.26 -23.00 10.33
CA ASN B 214 -9.31 -22.77 11.80
C ASN B 214 -8.39 -23.80 12.51
N ASP B 215 -7.48 -24.42 11.75
CA ASP B 215 -6.34 -25.23 12.26
C ASP B 215 -5.21 -24.26 12.58
N PRO B 216 -4.76 -24.13 13.85
CA PRO B 216 -3.71 -23.18 14.19
C PRO B 216 -2.36 -23.50 13.51
N ASP B 217 -2.10 -24.76 13.12
CA ASP B 217 -0.90 -25.21 12.38
C ASP B 217 -0.91 -24.70 10.93
N MSE B 218 -2.06 -24.18 10.45
CA MSE B 218 -2.15 -23.69 9.09
C MSE B 218 -2.17 -22.15 9.08
O MSE B 218 -1.36 -21.54 8.40
CB MSE B 218 -3.39 -24.27 8.41
CG MSE B 218 -3.38 -25.78 8.26
SE MSE B 218 -2.27 -26.38 6.74
CE MSE B 218 -0.60 -27.08 7.52
H MSE B 218 -2.86 -24.14 11.05
HA MSE B 218 -1.35 -23.98 8.59
HB2 MSE B 218 -3.45 -23.89 7.53
HB3 MSE B 218 -4.15 -24.03 8.91
HG2 MSE B 218 -4.29 -26.10 8.13
HG3 MSE B 218 -3.02 -26.18 9.08
HE1 MSE B 218 -0.02 -27.38 6.79
HE2 MSE B 218 -0.80 -27.81 8.10
HE3 MSE B 218 -0.16 -26.38 8.01
N ILE B 219 -3.12 -21.55 9.81
CA ILE B 219 -3.37 -20.13 9.69
C ILE B 219 -2.27 -19.33 10.41
N LEU B 220 -1.72 -19.81 11.53
CA LEU B 220 -0.71 -19.01 12.26
C LEU B 220 0.61 -18.96 11.48
N PRO B 221 1.13 -20.07 10.91
CA PRO B 221 2.31 -19.98 10.05
C PRO B 221 2.03 -19.16 8.78
N PHE B 222 0.80 -19.16 8.27
CA PHE B 222 0.41 -18.22 7.17
C PHE B 222 0.67 -16.78 7.60
N PHE B 223 0.19 -16.39 8.78
CA PHE B 223 0.41 -15.06 9.40
C PHE B 223 1.93 -14.80 9.60
N ASP B 224 2.68 -15.78 10.12
CA ASP B 224 4.16 -15.67 10.28
C ASP B 224 4.80 -15.32 8.93
N LYS B 225 4.34 -15.95 7.85
CA LYS B 225 5.01 -15.79 6.54
C LYS B 225 4.59 -14.47 5.88
N TRP B 226 3.34 -14.03 6.00
CA TRP B 226 2.80 -12.95 5.14
C TRP B 226 2.53 -11.66 5.91
N ILE B 227 2.33 -11.72 7.22
CA ILE B 227 1.88 -10.52 8.00
C ILE B 227 3.09 -9.90 8.70
N PHE B 228 3.78 -10.67 9.56
CA PHE B 228 5.11 -10.32 10.12
C PHE B 228 5.67 -11.51 10.93
N SER B 229 6.97 -11.48 11.21
CA SER B 229 7.76 -12.69 11.55
C SER B 229 7.06 -13.50 12.66
N TYR B 230 6.46 -12.84 13.65
CA TYR B 230 5.89 -13.53 14.85
C TYR B 230 4.39 -13.24 14.98
N ALA B 231 3.71 -12.91 13.88
CA ALA B 231 2.28 -12.52 13.86
C ALA B 231 1.40 -13.70 14.34
N GLY B 232 1.80 -14.94 14.01
CA GLY B 232 1.16 -16.17 14.51
C GLY B 232 0.93 -16.09 16.00
N SER B 233 1.99 -15.72 16.72
CA SER B 233 2.06 -15.62 18.20
C SER B 233 1.19 -14.44 18.70
N VAL B 234 1.18 -13.31 18.01
CA VAL B 234 0.41 -12.11 18.42
C VAL B 234 -1.10 -12.34 18.16
N TYR B 235 -1.42 -12.99 17.02
CA TYR B 235 -2.81 -13.12 16.52
C TYR B 235 -3.51 -14.32 17.15
N TYR B 236 -2.79 -15.22 17.83
CA TYR B 236 -3.41 -16.41 18.48
C TYR B 236 -4.65 -15.90 19.23
N SER B 237 -4.40 -15.02 20.21
CA SER B 237 -5.43 -14.52 21.16
C SER B 237 -6.39 -13.59 20.43
N ILE B 238 -5.93 -12.84 19.42
CA ILE B 238 -6.83 -12.01 18.55
C ILE B 238 -7.85 -12.93 17.85
N LEU B 239 -7.39 -13.97 17.16
CA LEU B 239 -8.25 -14.89 16.38
C LEU B 239 -9.29 -15.56 17.28
N MSE B 240 -8.96 -15.80 18.56
CA MSE B 240 -9.90 -16.46 19.45
C MSE B 240 -11.03 -15.50 19.81
O MSE B 240 -12.16 -15.94 19.97
CB MSE B 240 -9.18 -17.00 20.70
CG MSE B 240 -8.21 -18.12 20.38
SE MSE B 240 -7.55 -19.12 21.96
CE MSE B 240 -8.95 -20.42 22.46
H MSE B 240 -8.05 -15.52 18.91
HA MSE B 240 -10.28 -17.24 18.99
HB2 MSE B 240 -9.83 -17.33 21.31
HB3 MSE B 240 -8.69 -16.29 21.10
HG2 MSE B 240 -7.43 -17.76 19.91
HG3 MSE B 240 -8.64 -18.77 19.79
HE1 MSE B 240 -8.65 -20.92 23.23
HE2 MSE B 240 -9.10 -21.03 21.72
HE3 MSE B 240 -9.77 -19.95 22.67
N ALA B 241 -10.72 -14.21 19.89
CA ALA B 241 -11.71 -13.20 20.28
C ALA B 241 -12.52 -12.74 19.05
N SER B 242 -12.02 -13.02 17.84
CA SER B 242 -12.52 -12.48 16.54
C SER B 242 -13.48 -13.46 15.89
N ASN B 243 -14.36 -12.99 15.01
CA ASN B 243 -15.22 -13.90 14.22
C ASN B 243 -15.22 -13.50 12.75
N TYR B 244 -14.33 -12.58 12.34
CA TYR B 244 -14.36 -11.95 11.01
C TYR B 244 -12.98 -11.40 10.67
N LEU B 245 -12.48 -11.81 9.51
CA LEU B 245 -11.14 -11.44 8.99
C LEU B 245 -11.31 -10.95 7.56
N GLU B 246 -10.46 -10.00 7.15
CA GLU B 246 -10.35 -9.53 5.76
C GLU B 246 -8.88 -9.50 5.35
N LEU B 247 -8.57 -9.95 4.14
CA LEU B 247 -7.29 -9.68 3.47
C LEU B 247 -7.57 -8.79 2.26
N GLN B 248 -6.96 -7.61 2.20
CA GLN B 248 -7.01 -6.70 1.02
C GLN B 248 -5.63 -6.60 0.40
N PRO B 249 -5.30 -7.44 -0.58
CA PRO B 249 -4.01 -7.34 -1.26
C PRO B 249 -4.08 -6.35 -2.43
N GLU B 250 -3.83 -5.07 -2.17
CA GLU B 250 -3.69 -4.02 -3.20
C GLU B 250 -2.58 -4.37 -4.21
N ARG B 251 -2.94 -4.41 -5.50
CA ARG B 251 -1.96 -4.74 -6.57
C ARG B 251 -1.45 -3.44 -7.23
N ILE B 252 -0.27 -2.97 -6.82
CA ILE B 252 0.34 -1.75 -7.40
C ILE B 252 1.25 -2.15 -8.54
N PHE B 253 0.80 -1.98 -9.78
CA PHE B 253 1.62 -2.28 -10.97
C PHE B 253 2.65 -1.16 -11.16
N VAL B 254 3.92 -1.55 -11.19
CA VAL B 254 5.08 -0.68 -11.54
C VAL B 254 5.31 -0.79 -13.04
N MSE B 255 5.20 0.36 -13.74
CA MSE B 255 5.34 0.42 -15.19
C MSE B 255 6.80 0.69 -15.51
O MSE B 255 7.60 0.88 -14.60
CB MSE B 255 4.37 1.46 -15.75
CG MSE B 255 2.93 1.32 -15.26
SE MSE B 255 2.24 -0.53 -15.57
CE MSE B 255 2.04 -0.39 -17.51
H MSE B 255 5.02 1.22 -13.23
HA MSE B 255 5.08 -0.44 -15.56
HB2 MSE B 255 4.36 1.39 -16.71
HB3 MSE B 255 4.68 2.34 -15.51
HG2 MSE B 255 2.35 1.96 -15.72
HG3 MSE B 255 2.89 1.52 -14.29
HE1 MSE B 255 1.70 -1.23 -17.85
HE2 MSE B 255 2.90 -0.19 -17.91
HE3 MSE B 255 1.41 0.32 -17.71
N GLU B 256 7.17 0.64 -16.80
CA GLU B 256 8.57 0.73 -17.21
C GLU B 256 9.12 2.15 -16.96
N ASN B 257 8.33 3.20 -17.13
CA ASN B 257 8.82 4.60 -16.98
C ASN B 257 8.97 4.92 -15.49
N GLU B 258 9.99 5.71 -15.16
CA GLU B 258 10.23 6.25 -13.79
C GLU B 258 8.96 6.96 -13.33
N GLY B 259 8.45 6.61 -12.16
CA GLY B 259 7.37 7.34 -11.48
C GLY B 259 6.02 6.94 -12.00
N ASP B 260 5.94 5.83 -12.74
CA ASP B 260 4.70 5.41 -13.41
C ASP B 260 4.15 4.16 -12.69
N ILE B 261 2.96 4.30 -12.08
CA ILE B 261 2.27 3.18 -11.41
C ILE B 261 0.86 3.08 -11.94
N PHE B 262 0.31 1.88 -11.87
CA PHE B 262 -1.11 1.61 -12.19
C PHE B 262 -1.75 0.79 -11.08
N VAL B 263 -2.94 1.24 -10.67
CA VAL B 263 -3.86 0.45 -9.81
C VAL B 263 -5.24 0.51 -10.45
N SER B 264 -5.83 -0.65 -10.72
CA SER B 264 -7.22 -0.83 -11.18
C SER B 264 -8.19 -0.47 -10.03
N ASP B 265 -9.19 0.37 -10.30
CA ASP B 265 -10.42 0.57 -9.48
C ASP B 265 -11.16 -0.75 -9.23
N LEU B 266 -11.04 -1.77 -10.08
CA LEU B 266 -11.67 -3.08 -9.77
C LEU B 266 -10.76 -3.84 -8.77
N ARG B 267 -11.10 -3.71 -7.50
CA ARG B 267 -10.40 -4.36 -6.38
C ARG B 267 -11.19 -5.61 -6.00
N TYR B 268 -10.54 -6.49 -5.27
CA TYR B 268 -11.22 -7.59 -4.58
C TYR B 268 -10.49 -7.90 -3.29
N TYR B 269 -11.22 -8.44 -2.33
CA TYR B 269 -10.66 -8.77 -1.01
C TYR B 269 -11.18 -10.15 -0.63
N PHE B 270 -10.56 -10.73 0.37
CA PHE B 270 -10.96 -12.02 0.93
C PHE B 270 -11.65 -11.73 2.26
N ALA B 271 -12.93 -12.08 2.38
CA ALA B 271 -13.67 -12.06 3.65
C ALA B 271 -13.62 -13.47 4.21
N ASN B 272 -13.31 -13.61 5.49
CA ASN B 272 -13.34 -14.89 6.22
C ASN B 272 -14.37 -14.79 7.34
N LEU B 273 -15.60 -15.26 7.09
CA LEU B 273 -16.69 -15.24 8.10
C LEU B 273 -16.51 -16.46 9.02
N CYS B 274 -15.52 -16.43 9.90
CA CYS B 274 -15.25 -17.49 10.90
C CYS B 274 -16.57 -17.89 11.61
N MSE B 275 -17.47 -16.91 11.77
N MSE B 275 -17.46 -16.90 11.78
CA MSE B 275 -18.74 -17.08 12.46
CA MSE B 275 -18.74 -17.06 12.44
C MSE B 275 -19.57 -18.20 11.83
C MSE B 275 -19.56 -18.20 11.84
O MSE B 275 -20.31 -18.87 12.54
O MSE B 275 -20.27 -18.89 12.56
CB MSE B 275 -19.53 -15.76 12.42
CB MSE B 275 -19.52 -15.74 12.36
CG MSE B 275 -20.91 -15.84 13.08
CG MSE B 275 -20.43 -15.62 11.15
SE MSE B 275 -21.99 -14.22 12.82
SE MSE B 275 -19.64 -14.46 9.78
CE MSE B 275 -23.67 -14.46 13.80
CE MSE B 275 -18.57 -13.07 10.65
H MSE B 275 -17.23 -16.00 11.39
H MSE B 275 -17.21 -16.00 11.40
HA MSE B 275 -18.56 -17.33 13.39
HA MSE B 275 -18.57 -17.29 13.38
HB2 MSE B 275 -19.67 -15.52 11.51
HB2 MSE B 275 -18.90 -15.02 12.33
HB3 MSE B 275 -19.04 -15.09 12.87
HB3 MSE B 275 -20.07 -15.66 13.14
HG2 MSE B 275 -20.79 -16.00 14.05
HG2 MSE B 275 -21.29 -15.24 11.42
HG3 MSE B 275 -21.40 -16.60 12.72
HG3 MSE B 275 -20.59 -16.51 10.77
HE1 MSE B 275 -24.22 -13.66 13.69
HE1 MSE B 275 -18.18 -12.50 9.97
HE2 MSE B 275 -23.48 -14.60 14.74
HE2 MSE B 275 -17.86 -13.48 11.16
HE3 MSE B 275 -24.14 -15.23 13.44
HE3 MSE B 275 -19.14 -12.54 11.23
N LYS B 276 -19.47 -18.38 10.51
CA LYS B 276 -20.25 -19.37 9.81
C LYS B 276 -19.44 -20.63 9.45
N ARG B 277 -18.11 -20.54 9.43
CA ARG B 277 -17.22 -21.61 8.90
C ARG B 277 -16.88 -22.62 10.00
N ASN B 278 -16.81 -22.17 11.26
CA ASN B 278 -16.19 -22.94 12.37
C ASN B 278 -17.25 -23.28 13.41
N PRO B 279 -17.16 -24.47 14.05
CA PRO B 279 -18.00 -24.81 15.20
C PRO B 279 -17.83 -23.95 16.47
N ASN B 280 -16.64 -23.33 16.64
CA ASN B 280 -16.32 -22.18 17.54
C ASN B 280 -17.28 -20.99 17.32
N LYS B 281 -17.52 -20.57 16.08
CA LYS B 281 -18.17 -19.29 15.70
C LYS B 281 -17.15 -18.14 15.88
N HIS B 282 -15.90 -18.51 16.14
CA HIS B 282 -14.70 -17.63 16.21
C HIS B 282 -13.64 -18.18 15.23
N CYS B 283 -12.59 -17.40 14.96
CA CYS B 283 -11.53 -17.74 13.98
C CYS B 283 -10.62 -18.86 14.52
N LEU B 284 -10.39 -18.95 15.83
CA LEU B 284 -9.72 -20.12 16.47
C LEU B 284 -10.52 -20.59 17.69
C1 EDO C . -3.55 18.06 14.26
O1 EDO C . -4.34 18.39 15.37
C2 EDO C . -2.94 16.71 14.40
O2 EDO C . -2.01 16.63 15.46
H11 EDO C . -2.83 18.71 14.17
H12 EDO C . -4.11 18.06 13.46
HO1 EDO C . -4.67 19.17 15.25
H21 EDO C . -2.47 16.49 13.56
H22 EDO C . -3.65 16.06 14.57
HO2 EDO C . -1.95 17.38 15.84
C1 EDO D . 0.71 23.06 7.55
O1 EDO D . 0.70 24.38 8.10
C2 EDO D . 2.08 22.55 7.25
O2 EDO D . 2.41 21.31 7.86
H11 EDO D . 0.20 23.06 6.72
H12 EDO D . 0.31 22.44 8.20
HO1 EDO D . -0.11 24.61 8.26
H21 EDO D . 2.75 23.20 7.56
H22 EDO D . 2.16 22.42 6.28
HO2 EDO D . 1.75 21.04 8.33
C1 EDO E . 10.45 10.80 19.27
O1 EDO E . 11.75 10.84 18.71
C2 EDO E . 9.73 9.52 19.04
O2 EDO E . 10.50 8.38 19.37
H11 EDO E . 9.91 11.52 18.88
H12 EDO E . 10.51 10.93 20.24
HO1 EDO E . 12.11 11.59 18.87
H21 EDO E . 9.50 9.46 18.09
H22 EDO E . 8.92 9.50 19.59
HO2 EDO E . 11.26 8.63 19.66
C1 EDO F . 21.13 22.96 -5.00
O1 EDO F . 21.05 24.36 -5.17
C2 EDO F . 22.42 22.54 -4.39
O2 EDO F . 22.87 23.45 -3.41
H11 EDO F . 21.05 22.53 -5.87
H12 EDO F . 20.40 22.67 -4.41
HO1 EDO F . 20.31 24.55 -5.52
H21 EDO F . 23.09 22.48 -5.09
H22 EDO F . 22.29 21.66 -3.96
HO2 EDO F . 22.33 24.09 -3.34
C1 EDO G . -0.98 14.22 -6.22
O1 EDO G . -2.41 14.06 -6.17
C2 EDO G . -0.25 13.03 -6.76
O2 EDO G . 1.03 12.79 -6.16
H11 EDO G . -0.65 14.39 -5.31
H12 EDO G . -0.77 14.98 -6.80
HO1 EDO G . -2.75 14.77 -5.86
H21 EDO G . -0.11 13.15 -7.71
H22 EDO G . -0.80 12.23 -6.59
HO2 EDO G . 1.18 13.38 -5.59
C1 EDO H . -9.17 -1.13 0.98
O1 EDO H . -9.57 -1.45 -0.33
C2 EDO H . -7.84 -1.69 1.35
O2 EDO H . -7.22 -0.99 2.42
H11 EDO H . -9.83 -1.47 1.61
H12 EDO H . -9.11 -0.15 1.07
HO1 EDO H . -10.32 -1.10 -0.50
H21 EDO H . -7.25 -1.66 0.57
H22 EDO H . -7.96 -2.63 1.63
HO2 EDO H . -7.71 -0.35 2.66
C1 EDO I . -3.97 -24.47 -27.43
O1 EDO I . -4.15 -23.46 -26.46
C2 EDO I . -3.69 -25.80 -26.84
O2 EDO I . -2.80 -25.76 -25.75
H11 EDO I . -3.20 -24.23 -27.99
H12 EDO I . -4.77 -24.54 -27.98
HO1 EDO I . -4.30 -22.73 -26.84
H21 EDO I . -3.30 -26.38 -27.53
H22 EDO I . -4.53 -26.18 -26.52
HO2 EDO I . -2.56 -24.96 -25.61
C1 EDO J . -13.52 13.33 -20.33
O1 EDO J . -12.27 13.96 -20.19
C2 EDO J . -14.62 14.05 -19.64
O2 EDO J . -15.91 13.65 -20.06
H11 EDO J . -13.47 12.42 -19.96
H12 EDO J . -13.74 13.27 -21.29
HO1 EDO J . -11.68 13.52 -20.60
H21 EDO J . -14.53 15.01 -19.82
H22 EDO J . -14.54 13.89 -18.68
HO2 EDO J . -15.83 13.05 -20.65
C1 EDO K . -11.21 -10.41 -20.97
O1 EDO K . -12.39 -10.64 -21.70
C2 EDO K . -10.71 -9.02 -21.05
O2 EDO K . -11.58 -8.11 -20.39
H11 EDO K . -10.51 -11.00 -21.33
H12 EDO K . -11.37 -10.62 -20.02
HO1 EDO K . -12.63 -11.45 -21.60
H21 EDO K . -10.64 -8.75 -21.99
H22 EDO K . -9.82 -8.97 -20.63
HO2 EDO K . -12.23 -8.54 -20.06
C1 EDO L . -22.27 -2.44 15.06
O1 EDO L . -23.17 -2.16 13.99
C2 EDO L . -21.30 -3.54 14.77
O2 EDO L . -20.01 -3.35 15.32
H11 EDO L . -22.80 -2.70 15.85
H12 EDO L . -21.76 -1.63 15.25
HO1 EDO L . -23.70 -1.53 14.21
H21 EDO L . -21.20 -3.62 13.80
H22 EDO L . -21.66 -4.37 15.14
HO2 EDO L . -19.98 -2.61 15.73
C1 EDO M . -11.97 -3.59 -0.38
O1 EDO M . -10.84 -3.91 -1.19
C2 EDO M . -11.82 -3.98 1.06
O2 EDO M . -12.99 -3.82 1.85
H11 EDO M . -12.75 -4.05 -0.74
H12 EDO M . -12.10 -2.62 -0.41
HO1 EDO M . -10.97 -3.67 -1.99
H21 EDO M . -11.12 -3.44 1.46
H22 EDO M . -11.59 -4.93 1.10
HO2 EDO M . -13.62 -3.51 1.37
#